data_8I95
#
_entry.id   8I95
#
_cell.length_a   1.00
_cell.length_b   1.00
_cell.length_c   1.00
_cell.angle_alpha   90.00
_cell.angle_beta   90.00
_cell.angle_gamma   90.00
#
_symmetry.space_group_name_H-M   'P 1'
#
loop_
_entity.id
_entity.type
_entity.pdbx_description
1 polymer 'Guanine nucleotide-binding protein G(o) subunit alpha'
2 polymer 'Guanine nucleotide-binding protein G(I)/G(S)/G(T) subunit beta-1'
3 polymer 'Guanine nucleotide-binding protein G(I)/G(S)/G(O) subunit gamma-2'
4 polymer 'Antibody fragment - ScFv16'
5 polymer 'C3a anaphylatoxin chemotactic receptor'
6 polymer 'EP54 ligand'
#
loop_
_entity_poly.entity_id
_entity_poly.type
_entity_poly.pdbx_seq_one_letter_code
_entity_poly.pdbx_strand_id
1 'polypeptide(L)'
;MGHHHHHHENLYFQGTLSAEERAALERSKAIEKNLKEDGISAAKDVKLLLLGADNSGKSTIVKQMKIIHGGSGGSGGTTG
IVETHFTFKNLHFRLFDVGGQRSERKKWIHCFEDVTAIIFCVDLSDYDQVLHEDETTNRMHESLMLFDSICNNKFFIDTS
IILFLNKKDLFGEKIKKSPLTICFPEYTGPNTYEDAAAYIQAQFESKNRSPNKEIYCHMTCATDTNNAQVIFDAVTDIII
ANNLRGCGLY
;
A
2 'polypeptide(L)'
;MHHHHHHGSSGSELDQLRQEAEQLKNQIRDARKACADATLSQITNNIDPVGRIQMRTRRTLRGHLAKIYAMHWGTDSRLL
VSASQDGKLIIWDSYTTNKVHAIPLRSSWVMTCAYAPSGNYVACGGLDNICSIYNLKTREGNVRVSRELAGHTGYLSCCR
FLDDNQIVTSSGDTTCALWDIETGQQTTTFTGHTGDVMSLSLAPDTRLFVSGACDASAKLWDVREGMCRQTFTGHESDIN
AICFFPNGNAFATGSDDATCRLFDLRADQELMTYSHDNIICGITSVSFSKSGRLLLAGYDDFNCNVWDALKADRAGVLAG
HDNRVSCLGVTDDGMAVATGSWDSFLKIWN
;
B
3 'polypeptide(L)' MASNNTASIAQARKLVEQLKMEANIDRIKVSKAAADLMAYCEAHAKEDPLLTPVPASENPFREKKFFCAIL G
4 'polypeptide(L)'
;DVQLVESGGGLVQPGGSRKLSCSASGFAFSSFGMHWVRQAPEKGLEWVAYISSGSGTIYYADTVKGRFTISRDDPKNTLF
LQMTSLRSEDTAMYYCVRSIYYYGSSPFDFWGQGTTLTVSSGGGGSGGGGSGGGGSDIVMTQATSSVPVTPGESVSISCR
SSKSLLHSNGNTYLYWFLQRPGQSPQLLIYRMSNLASGVPDRFSGSGSGTAFTLTISRLEAEDVGVYYCMQHLEYPLTFG
AGTKLELK
;
H
5 'polypeptide(L)'
;MGKTIIALSYIFCLVFADYKDDDDAANFTPVNGSSGNQSVRLVTSSSLEVLFQGPGSASFSAETNSTDLLSQPWNEPPVI
LSMVILSLTFLLGLPGNGLVLWVAGLKMQRTVNTIWFLHLTLADLLCCLSLPFSLAHLALQGQWPYGRFLCKLIPSIIVL
NMFASVFLLTAISLDRCLVVFKPIWCQNHRNVGMACSICGCIWVVAFVMCIPVFVYREIFTTDNHNRCGYKFGLSSSLDY
PDFYGDPLENRSLENIVQPPGEMNDRLDPSSFQTNDHPWTVPTVFQPQTFQRPSADSLPRGSARLTSQNLYSNVFKPADV
VSPKIPSGFPIEDHETSPLDNSDAFLSTHLKLFPSASSNSFYESELPQGFQDYYNLGQFTDDDQVPTPLVAITITRLVVG
FLLPSVIMIACYSFIVFRMQRGRFAKSQSKTFRVAVVVVAVFLVCWTPYHIFGVLSLLTDPETPLGKTLMSWDHVCIALA
SANSCFNPFLYALLGKDFRKKARQSIQGILEAAFSEELTRSTHCPSNNVISERNSTTV
;
C
6 'polypeptide(L)' YSFKPMPL(DAL)R D
#
# COMPACT_ATOMS: atom_id res chain seq x y z
CA SER A 18 16.52 -18.42 -6.59
C SER A 18 16.41 -19.25 -7.86
N ALA A 19 15.75 -20.39 -7.76
CA ALA A 19 15.64 -21.31 -8.90
C ALA A 19 14.54 -20.91 -9.86
N GLU A 20 13.29 -20.98 -9.40
CA GLU A 20 12.14 -20.42 -10.11
C GLU A 20 11.44 -19.37 -9.28
N GLU A 21 12.02 -18.99 -8.15
CA GLU A 21 11.59 -17.79 -7.44
C GLU A 21 12.02 -16.53 -8.16
N ARG A 22 12.97 -16.63 -9.11
CA ARG A 22 13.29 -15.50 -9.96
C ARG A 22 12.10 -15.11 -10.83
N ALA A 23 11.39 -16.10 -11.37
CA ALA A 23 10.20 -15.81 -12.17
C ALA A 23 9.07 -15.25 -11.30
N ALA A 24 8.94 -15.75 -10.07
CA ALA A 24 7.96 -15.18 -9.15
C ALA A 24 8.30 -13.74 -8.81
N LEU A 25 9.59 -13.45 -8.62
CA LEU A 25 10.01 -12.08 -8.36
C LEU A 25 9.77 -11.17 -9.58
N GLU A 26 10.00 -11.71 -10.77
CA GLU A 26 9.69 -10.95 -11.99
C GLU A 26 8.20 -10.64 -12.08
N ARG A 27 7.36 -11.62 -11.73
CA ARG A 27 5.91 -11.38 -11.71
C ARG A 27 5.54 -10.34 -10.67
N SER A 28 6.18 -10.40 -9.49
CA SER A 28 5.92 -9.41 -8.45
C SER A 28 6.25 -8.01 -8.93
N LYS A 29 7.40 -7.85 -9.60
CA LYS A 29 7.76 -6.55 -10.16
C LYS A 29 6.79 -6.11 -11.25
N ALA A 30 6.34 -7.04 -12.09
CA ALA A 30 5.41 -6.70 -13.17
C ALA A 30 4.11 -6.15 -12.61
N ILE A 31 3.59 -6.80 -11.57
CA ILE A 31 2.33 -6.30 -11.02
C ILE A 31 2.54 -5.10 -10.09
N GLU A 32 3.73 -4.92 -9.52
CA GLU A 32 4.00 -3.69 -8.78
C GLU A 32 4.06 -2.48 -9.72
N LYS A 33 4.61 -2.66 -10.92
CA LYS A 33 4.59 -1.59 -11.90
C LYS A 33 3.15 -1.26 -12.29
N ASN A 34 2.30 -2.28 -12.45
CA ASN A 34 0.91 -1.97 -12.73
C ASN A 34 0.22 -1.26 -11.56
N LEU A 35 0.54 -1.62 -10.32
CA LEU A 35 -0.01 -0.92 -9.17
C LEU A 35 0.39 0.55 -9.17
N LYS A 36 1.67 0.82 -9.45
CA LYS A 36 2.13 2.21 -9.51
C LYS A 36 1.43 2.98 -10.62
N GLU A 37 1.28 2.37 -11.81
CA GLU A 37 0.60 3.04 -12.90
C GLU A 37 -0.85 3.35 -12.57
N ASP A 38 -1.54 2.38 -11.94
CA ASP A 38 -2.94 2.61 -11.58
C ASP A 38 -3.08 3.67 -10.50
N GLY A 39 -2.14 3.73 -9.56
CA GLY A 39 -2.16 4.79 -8.57
C GLY A 39 -1.95 6.16 -9.20
N ILE A 40 -1.01 6.24 -10.15
CA ILE A 40 -0.79 7.50 -10.87
C ILE A 40 -2.06 7.91 -11.60
N SER A 41 -2.71 6.95 -12.27
CA SER A 41 -3.94 7.26 -13.00
C SER A 41 -5.06 7.70 -12.06
N ALA A 42 -5.17 7.08 -10.90
CA ALA A 42 -6.24 7.42 -9.96
C ALA A 42 -5.99 8.73 -9.24
N ALA A 43 -4.73 9.14 -9.10
CA ALA A 43 -4.44 10.39 -8.40
C ALA A 43 -4.91 11.62 -9.17
N LYS A 44 -5.17 11.48 -10.47
CA LYS A 44 -5.59 12.62 -11.28
C LYS A 44 -7.04 13.02 -11.02
N ASP A 45 -7.87 12.10 -10.52
CA ASP A 45 -9.30 12.35 -10.39
C ASP A 45 -9.59 13.15 -9.13
N VAL A 46 -10.51 14.11 -9.25
CA VAL A 46 -10.99 14.89 -8.12
C VAL A 46 -12.13 14.12 -7.47
N LYS A 47 -11.96 13.77 -6.21
CA LYS A 47 -12.97 13.02 -5.46
C LYS A 47 -13.79 13.99 -4.63
N LEU A 48 -15.10 14.02 -4.88
CA LEU A 48 -16.02 14.89 -4.17
C LEU A 48 -17.04 14.04 -3.44
N LEU A 49 -17.23 14.33 -2.16
CA LEU A 49 -18.25 13.66 -1.36
C LEU A 49 -19.51 14.51 -1.38
N LEU A 50 -20.64 13.88 -1.72
CA LEU A 50 -21.89 14.58 -1.86
C LEU A 50 -22.80 14.20 -0.70
N LEU A 51 -23.23 15.20 0.07
CA LEU A 51 -24.06 14.96 1.25
C LEU A 51 -25.29 15.86 1.24
N GLY A 52 -26.04 15.83 2.34
CA GLY A 52 -27.27 16.57 2.46
C GLY A 52 -28.41 15.68 2.93
N ALA A 53 -29.50 16.34 3.29
CA ALA A 53 -30.68 15.62 3.76
C ALA A 53 -31.36 14.89 2.60
N ASP A 54 -32.34 14.06 2.93
CA ASP A 54 -33.09 13.33 1.92
C ASP A 54 -33.96 14.29 1.11
N ASN A 55 -33.98 14.07 -0.20
CA ASN A 55 -34.76 14.90 -1.13
C ASN A 55 -34.37 16.37 -1.02
N SER A 56 -33.08 16.63 -0.85
CA SER A 56 -32.55 17.98 -0.69
C SER A 56 -31.96 18.54 -1.98
N GLY A 57 -32.15 17.85 -3.10
CA GLY A 57 -31.60 18.29 -4.36
C GLY A 57 -30.32 17.60 -4.79
N LYS A 58 -29.86 16.59 -4.04
CA LYS A 58 -28.68 15.85 -4.43
C LYS A 58 -28.89 15.13 -5.76
N SER A 59 -30.03 14.45 -5.90
CA SER A 59 -30.31 13.72 -7.13
C SER A 59 -30.49 14.67 -8.30
N THR A 60 -31.04 15.86 -8.06
CA THR A 60 -31.23 16.82 -9.15
C THR A 60 -29.89 17.28 -9.72
N ILE A 61 -28.91 17.59 -8.85
CA ILE A 61 -27.64 18.06 -9.36
C ILE A 61 -26.79 16.91 -9.88
N VAL A 62 -27.00 15.69 -9.36
CA VAL A 62 -26.23 14.56 -9.86
C VAL A 62 -26.82 14.00 -11.16
N LYS A 63 -28.09 14.29 -11.45
CA LYS A 63 -28.71 13.89 -12.69
C LYS A 63 -28.72 15.00 -13.73
N GLN A 64 -28.18 16.17 -13.41
CA GLN A 64 -28.07 17.27 -14.37
C GLN A 64 -26.65 17.46 -14.89
N MET A 65 -25.65 16.89 -14.22
CA MET A 65 -24.27 16.92 -14.68
C MET A 65 -23.84 15.60 -15.28
N LYS A 66 -24.77 14.87 -15.91
CA LYS A 66 -24.51 13.62 -16.63
C LYS A 66 -24.13 12.48 -15.70
N ILE A 67 -24.54 11.27 -16.06
CA ILE A 67 -24.27 10.06 -15.29
C ILE A 67 -24.78 10.21 -13.86
N THR A 79 -25.83 -0.61 -4.52
CA THR A 79 -26.84 0.33 -4.05
C THR A 79 -26.38 1.01 -2.76
N GLY A 80 -25.16 0.70 -2.33
CA GLY A 80 -24.61 1.30 -1.14
C GLY A 80 -24.08 2.70 -1.39
N ILE A 81 -23.09 2.81 -2.26
CA ILE A 81 -22.53 4.10 -2.64
C ILE A 81 -22.64 4.23 -4.16
N VAL A 82 -23.16 5.38 -4.60
CA VAL A 82 -23.37 5.65 -6.02
C VAL A 82 -22.29 6.63 -6.45
N GLU A 83 -21.41 6.20 -7.33
CA GLU A 83 -20.33 7.04 -7.84
C GLU A 83 -20.70 7.55 -9.23
N THR A 84 -20.72 8.86 -9.39
CA THR A 84 -20.99 9.52 -10.67
C THR A 84 -19.74 10.27 -11.07
N HIS A 85 -19.11 9.86 -12.16
CA HIS A 85 -17.86 10.45 -12.62
C HIS A 85 -18.09 11.20 -13.92
N PHE A 86 -17.51 12.39 -14.03
CA PHE A 86 -17.60 13.18 -15.25
C PHE A 86 -16.36 14.05 -15.35
N THR A 87 -16.15 14.58 -16.55
CA THR A 87 -15.01 15.45 -16.83
C THR A 87 -15.52 16.82 -17.23
N PHE A 88 -15.00 17.86 -16.58
CA PHE A 88 -15.36 19.24 -16.89
C PHE A 88 -14.09 20.08 -16.96
N LYS A 89 -13.78 20.56 -18.16
CA LYS A 89 -12.60 21.39 -18.41
C LYS A 89 -11.32 20.69 -17.94
N ASN A 90 -11.12 19.48 -18.47
CA ASN A 90 -9.93 18.67 -18.25
C ASN A 90 -9.74 18.26 -16.79
N LEU A 91 -10.82 18.22 -16.02
CA LEU A 91 -10.80 17.74 -14.63
C LEU A 91 -11.76 16.58 -14.50
N HIS A 92 -11.28 15.45 -13.99
CA HIS A 92 -12.13 14.29 -13.75
C HIS A 92 -12.70 14.38 -12.35
N PHE A 93 -14.02 14.48 -12.26
CA PHE A 93 -14.73 14.61 -10.98
C PHE A 93 -15.32 13.25 -10.62
N ARG A 94 -14.81 12.65 -9.54
CA ARG A 94 -15.39 11.43 -9.00
C ARG A 94 -16.30 11.83 -7.85
N LEU A 95 -17.60 11.77 -8.08
CA LEU A 95 -18.60 12.27 -7.15
C LEU A 95 -19.33 11.09 -6.52
N PHE A 96 -19.30 11.00 -5.20
CA PHE A 96 -19.85 9.87 -4.47
C PHE A 96 -21.11 10.29 -3.73
N ASP A 97 -22.22 9.64 -4.05
CA ASP A 97 -23.49 9.84 -3.35
C ASP A 97 -23.64 8.67 -2.37
N VAL A 98 -23.40 8.95 -1.10
CA VAL A 98 -23.42 7.92 -0.07
C VAL A 98 -24.71 7.98 0.76
N GLY A 99 -25.75 8.63 0.23
CA GLY A 99 -27.00 8.77 0.94
C GLY A 99 -27.77 7.47 1.12
N GLY A 100 -27.41 6.43 0.39
CA GLY A 100 -28.06 5.14 0.52
C GLY A 100 -27.59 4.30 1.68
N GLN A 101 -26.64 4.80 2.47
CA GLN A 101 -26.12 4.07 3.61
C GLN A 101 -26.96 4.42 4.83
N ARG A 102 -27.99 3.61 5.08
CA ARG A 102 -28.87 3.80 6.23
C ARG A 102 -28.20 3.22 7.46
N SER A 103 -27.22 3.96 7.98
CA SER A 103 -26.45 3.57 9.15
C SER A 103 -25.86 4.84 9.76
N GLU A 104 -24.90 4.68 10.66
CA GLU A 104 -24.22 5.82 11.25
C GLU A 104 -22.96 6.16 10.46
N ARG A 105 -22.74 7.45 10.24
CA ARG A 105 -21.62 7.89 9.42
C ARG A 105 -20.29 7.52 10.05
N LYS A 106 -20.20 7.59 11.38
CA LYS A 106 -18.92 7.53 12.06
C LYS A 106 -18.18 6.22 11.80
N LYS A 107 -18.88 5.19 11.35
CA LYS A 107 -18.26 3.90 11.07
C LYS A 107 -17.74 3.78 9.64
N TRP A 108 -18.10 4.69 8.74
CA TRP A 108 -17.53 4.68 7.40
C TRP A 108 -17.20 6.06 6.85
N ILE A 109 -17.40 7.13 7.62
CA ILE A 109 -17.13 8.47 7.11
C ILE A 109 -15.64 8.77 7.01
N HIS A 110 -14.79 7.95 7.62
CA HIS A 110 -13.35 8.11 7.47
C HIS A 110 -12.84 7.55 6.15
N CYS A 111 -13.65 6.78 5.44
CA CYS A 111 -13.28 6.32 4.11
C CYS A 111 -13.18 7.47 3.12
N PHE A 112 -13.82 8.60 3.41
CA PHE A 112 -13.88 9.75 2.51
C PHE A 112 -13.04 10.91 3.00
N GLU A 113 -12.09 10.67 3.91
CA GLU A 113 -11.29 11.77 4.44
C GLU A 113 -10.33 12.35 3.41
N ASP A 114 -10.15 11.70 2.26
CA ASP A 114 -9.25 12.17 1.22
C ASP A 114 -9.98 12.87 0.08
N VAL A 115 -11.28 13.14 0.23
CA VAL A 115 -12.01 13.84 -0.81
C VAL A 115 -11.52 15.29 -0.91
N THR A 116 -11.54 15.83 -2.12
CA THR A 116 -11.11 17.21 -2.33
C THR A 116 -12.06 18.18 -1.64
N ALA A 117 -13.36 17.91 -1.70
CA ALA A 117 -14.37 18.79 -1.14
C ALA A 117 -15.61 17.98 -0.80
N ILE A 118 -16.49 18.60 -0.02
CA ILE A 118 -17.77 18.02 0.34
C ILE A 118 -18.85 18.88 -0.29
N ILE A 119 -19.59 18.33 -1.23
CA ILE A 119 -20.72 19.03 -1.84
C ILE A 119 -21.93 18.79 -0.95
N PHE A 120 -22.40 19.83 -0.28
CA PHE A 120 -23.53 19.77 0.62
C PHE A 120 -24.74 20.42 -0.07
N CYS A 121 -25.84 19.69 -0.15
CA CYS A 121 -27.06 20.16 -0.79
C CYS A 121 -28.12 20.43 0.26
N VAL A 122 -28.74 21.60 0.19
CA VAL A 122 -29.80 22.00 1.11
C VAL A 122 -31.03 22.37 0.30
N ASP A 123 -32.19 21.88 0.71
CA ASP A 123 -33.46 22.25 0.10
C ASP A 123 -34.03 23.45 0.85
N LEU A 124 -34.04 24.62 0.18
CA LEU A 124 -34.55 25.83 0.80
C LEU A 124 -36.05 25.74 1.02
N SER A 125 -36.79 25.24 0.04
CA SER A 125 -38.23 25.18 0.17
C SER A 125 -38.71 23.98 0.96
N ASP A 126 -38.10 23.74 2.11
CA ASP A 126 -38.39 22.58 2.94
C ASP A 126 -37.82 22.82 4.33
N HIS A 141 -33.63 22.22 10.14
CA HIS A 141 -32.85 21.99 11.36
C HIS A 141 -32.06 20.70 11.26
N GLU A 142 -32.62 19.69 10.62
CA GLU A 142 -31.89 18.46 10.36
C GLU A 142 -30.70 18.72 9.46
N SER A 143 -30.89 19.53 8.42
CA SER A 143 -29.77 19.89 7.55
C SER A 143 -28.71 20.68 8.30
N LEU A 144 -29.13 21.58 9.19
CA LEU A 144 -28.18 22.34 9.98
C LEU A 144 -27.36 21.44 10.89
N MET A 145 -28.02 20.47 11.55
CA MET A 145 -27.29 19.54 12.41
C MET A 145 -26.33 18.68 11.60
N LEU A 146 -26.76 18.22 10.42
CA LEU A 146 -25.88 17.42 9.57
C LEU A 146 -24.68 18.23 9.12
N PHE A 147 -24.88 19.49 8.73
CA PHE A 147 -23.77 20.33 8.32
C PHE A 147 -22.82 20.60 9.47
N ASP A 148 -23.36 20.83 10.67
CA ASP A 148 -22.51 21.06 11.83
C ASP A 148 -21.69 19.82 12.15
N SER A 149 -22.29 18.63 12.05
CA SER A 149 -21.56 17.40 12.31
C SER A 149 -20.48 17.15 11.27
N ILE A 150 -20.78 17.44 10.00
CA ILE A 150 -19.83 17.08 8.94
C ILE A 150 -18.75 18.13 8.74
N CYS A 151 -18.99 19.38 9.13
CA CYS A 151 -17.96 20.40 9.04
C CYS A 151 -17.04 20.42 10.26
N ASN A 152 -17.52 19.93 11.40
CA ASN A 152 -16.71 19.83 12.61
C ASN A 152 -16.20 18.41 12.85
N ASN A 153 -16.29 17.55 11.85
CA ASN A 153 -15.78 16.19 11.98
C ASN A 153 -14.25 16.21 12.06
N LYS A 154 -13.71 15.25 12.82
CA LYS A 154 -12.26 15.18 13.00
C LYS A 154 -11.54 14.84 11.70
N PHE A 155 -12.20 14.11 10.81
CA PHE A 155 -11.60 13.75 9.53
C PHE A 155 -11.73 14.84 8.48
N PHE A 156 -12.58 15.84 8.71
CA PHE A 156 -12.88 16.87 7.73
C PHE A 156 -12.53 18.25 8.27
N ILE A 157 -11.44 18.35 9.01
CA ILE A 157 -11.02 19.65 9.55
C ILE A 157 -10.52 20.55 8.44
N ASP A 158 -9.76 20.00 7.49
CA ASP A 158 -9.20 20.78 6.39
C ASP A 158 -10.00 20.65 5.10
N THR A 159 -10.90 19.68 5.00
CA THR A 159 -11.73 19.55 3.81
C THR A 159 -12.76 20.69 3.77
N SER A 160 -12.88 21.32 2.62
CA SER A 160 -13.79 22.44 2.43
C SER A 160 -15.11 21.98 1.81
N ILE A 161 -16.18 22.65 2.18
CA ILE A 161 -17.53 22.26 1.80
C ILE A 161 -18.03 23.20 0.71
N ILE A 162 -18.45 22.63 -0.42
CA ILE A 162 -19.12 23.38 -1.47
C ILE A 162 -20.62 23.26 -1.20
N LEU A 163 -21.21 24.32 -0.68
CA LEU A 163 -22.59 24.28 -0.22
C LEU A 163 -23.52 24.72 -1.35
N PHE A 164 -24.59 23.94 -1.55
CA PHE A 164 -25.60 24.23 -2.56
C PHE A 164 -26.94 24.43 -1.88
N LEU A 165 -27.64 25.50 -2.25
CA LEU A 165 -28.96 25.81 -1.69
C LEU A 165 -29.96 25.75 -2.85
N ASN A 166 -30.49 24.56 -3.10
CA ASN A 166 -31.37 24.32 -4.25
C ASN A 166 -32.76 24.87 -3.96
N LYS A 167 -33.63 24.75 -4.97
CA LYS A 167 -35.04 25.16 -4.87
C LYS A 167 -35.18 26.61 -4.47
N LYS A 168 -34.38 27.49 -5.09
CA LYS A 168 -34.47 28.91 -4.81
C LYS A 168 -35.83 29.47 -5.22
N ASP A 169 -36.32 29.07 -6.39
CA ASP A 169 -37.62 29.55 -6.86
C ASP A 169 -38.75 29.08 -5.96
N LEU A 170 -38.72 27.81 -5.55
CA LEU A 170 -39.73 27.31 -4.63
C LEU A 170 -39.62 28.01 -3.28
N PHE A 171 -38.39 28.36 -2.86
CA PHE A 171 -38.22 29.13 -1.64
C PHE A 171 -38.88 30.50 -1.76
N GLY A 172 -38.72 31.16 -2.90
CA GLY A 172 -39.36 32.45 -3.10
C GLY A 172 -40.88 32.35 -3.10
N GLU A 173 -41.41 31.32 -3.79
CA GLU A 173 -42.86 31.13 -3.80
C GLU A 173 -43.40 30.84 -2.40
N LYS A 174 -42.70 30.01 -1.63
CA LYS A 174 -43.14 29.69 -0.28
C LYS A 174 -43.05 30.92 0.63
N ILE A 175 -42.02 31.76 0.44
CA ILE A 175 -41.94 33.01 1.18
C ILE A 175 -43.13 33.89 0.84
N LYS A 176 -43.49 33.96 -0.44
CA LYS A 176 -44.69 34.69 -0.83
C LYS A 176 -45.94 34.08 -0.20
N LYS A 177 -45.90 32.78 0.13
CA LYS A 177 -47.02 32.11 0.77
C LYS A 177 -46.88 32.06 2.29
N SER A 178 -45.71 31.69 2.80
CA SER A 178 -45.50 31.54 4.24
C SER A 178 -44.24 32.26 4.68
N PRO A 179 -44.27 32.91 5.84
CA PRO A 179 -43.07 33.59 6.33
C PRO A 179 -41.98 32.60 6.75
N LEU A 180 -40.75 33.08 6.71
CA LEU A 180 -39.59 32.27 7.08
C LEU A 180 -39.35 32.22 8.59
N THR A 181 -40.12 32.98 9.38
CA THR A 181 -39.96 32.95 10.82
C THR A 181 -40.40 31.63 11.43
N ILE A 182 -41.20 30.83 10.69
CA ILE A 182 -41.68 29.56 11.22
C ILE A 182 -40.51 28.63 11.52
N CYS A 183 -39.55 28.54 10.59
CA CYS A 183 -38.41 27.66 10.79
C CYS A 183 -37.45 28.22 11.83
N PHE A 184 -37.14 29.52 11.74
CA PHE A 184 -36.16 30.14 12.63
C PHE A 184 -36.87 31.10 13.57
N PRO A 185 -37.14 30.71 14.81
CA PRO A 185 -37.81 31.64 15.73
C PRO A 185 -37.03 32.92 15.99
N GLU A 186 -35.70 32.84 15.99
CA GLU A 186 -34.85 34.00 16.29
C GLU A 186 -34.48 34.80 15.04
N TYR A 187 -35.28 34.70 13.97
CA TYR A 187 -35.02 35.44 12.74
C TYR A 187 -35.84 36.72 12.77
N THR A 188 -35.14 37.85 12.85
CA THR A 188 -35.76 39.17 12.84
C THR A 188 -35.21 39.95 11.65
N GLY A 189 -36.10 40.37 10.75
CA GLY A 189 -35.71 41.09 9.57
C GLY A 189 -36.79 41.06 8.51
N PRO A 190 -36.52 41.70 7.37
CA PRO A 190 -37.52 41.70 6.30
C PRO A 190 -37.77 40.30 5.77
N ASN A 191 -39.01 40.06 5.33
CA ASN A 191 -39.43 38.76 4.85
C ASN A 191 -39.30 38.64 3.33
N THR A 192 -38.35 39.34 2.73
CA THR A 192 -38.10 39.24 1.31
C THR A 192 -37.24 38.01 1.02
N TYR A 193 -37.23 37.60 -0.25
CA TYR A 193 -36.47 36.42 -0.63
C TYR A 193 -34.97 36.62 -0.40
N GLU A 194 -34.45 37.78 -0.75
CA GLU A 194 -33.00 38.00 -0.69
C GLU A 194 -32.49 37.93 0.75
N ASP A 195 -33.15 38.64 1.67
CA ASP A 195 -32.67 38.66 3.05
C ASP A 195 -32.85 37.32 3.74
N ALA A 196 -33.98 36.65 3.49
CA ALA A 196 -34.18 35.33 4.10
C ALA A 196 -33.16 34.33 3.59
N ALA A 197 -32.91 34.35 2.28
CA ALA A 197 -31.93 33.43 1.70
C ALA A 197 -30.53 33.71 2.23
N ALA A 198 -30.17 35.00 2.36
CA ALA A 198 -28.88 35.35 2.92
C ALA A 198 -28.78 34.93 4.38
N TYR A 199 -29.88 35.02 5.13
CA TYR A 199 -29.87 34.57 6.51
C TYR A 199 -29.67 33.06 6.61
N ILE A 200 -30.30 32.30 5.71
CA ILE A 200 -30.09 30.85 5.70
C ILE A 200 -28.63 30.54 5.38
N GLN A 201 -28.07 31.23 4.39
CA GLN A 201 -26.68 31.01 4.02
C GLN A 201 -25.74 31.35 5.17
N ALA A 202 -26.02 32.43 5.90
CA ALA A 202 -25.18 32.81 7.03
C ALA A 202 -25.32 31.83 8.19
N GLN A 203 -26.53 31.32 8.42
CA GLN A 203 -26.72 30.29 9.43
C GLN A 203 -25.90 29.06 9.10
N PHE A 204 -25.84 28.68 7.82
CA PHE A 204 -25.04 27.52 7.45
C PHE A 204 -23.54 27.80 7.55
N GLU A 205 -23.11 28.96 7.06
CA GLU A 205 -21.69 29.31 7.09
C GLU A 205 -21.17 29.56 8.50
N SER A 206 -22.05 29.69 9.49
CA SER A 206 -21.64 29.92 10.87
C SER A 206 -21.55 28.63 11.69
N LYS A 207 -21.59 27.47 11.06
CA LYS A 207 -21.42 26.21 11.78
C LYS A 207 -20.00 25.67 11.70
N ASN A 208 -19.12 26.32 10.92
CA ASN A 208 -17.73 25.91 10.82
C ASN A 208 -16.87 26.78 11.73
N ARG A 209 -15.71 26.22 12.11
CA ARG A 209 -14.77 26.90 12.98
C ARG A 209 -13.34 26.86 12.51
N SER A 210 -12.96 25.88 11.70
CA SER A 210 -11.57 25.75 11.27
C SER A 210 -11.22 26.85 10.28
N PRO A 211 -10.20 27.68 10.55
CA PRO A 211 -9.83 28.72 9.60
C PRO A 211 -9.25 28.19 8.29
N ASN A 212 -8.79 26.94 8.27
CA ASN A 212 -8.11 26.38 7.10
C ASN A 212 -9.08 25.81 6.08
N LYS A 213 -10.35 26.19 6.12
CA LYS A 213 -11.34 25.73 5.16
C LYS A 213 -12.31 26.85 4.84
N GLU A 214 -12.86 26.81 3.63
CA GLU A 214 -13.88 27.76 3.21
C GLU A 214 -15.15 27.01 2.83
N ILE A 215 -16.28 27.68 3.02
CA ILE A 215 -17.58 27.15 2.64
C ILE A 215 -18.06 27.96 1.44
N TYR A 216 -18.22 27.30 0.29
CA TYR A 216 -18.66 27.94 -0.94
C TYR A 216 -20.16 27.74 -1.06
N CYS A 217 -20.92 28.81 -0.88
CA CYS A 217 -22.37 28.75 -0.92
C CYS A 217 -22.87 29.29 -2.26
N HIS A 218 -23.68 28.50 -2.94
CA HIS A 218 -24.28 28.89 -4.22
C HIS A 218 -25.77 28.61 -4.19
N MET A 219 -26.54 29.48 -4.83
CA MET A 219 -27.99 29.39 -4.88
C MET A 219 -28.41 28.90 -6.25
N THR A 220 -29.19 27.83 -6.28
CA THR A 220 -29.61 27.20 -7.53
C THR A 220 -31.12 27.06 -7.55
N CYS A 221 -31.72 27.36 -8.70
CA CYS A 221 -33.15 27.18 -8.90
C CYS A 221 -33.50 25.82 -9.50
N ALA A 222 -32.48 25.01 -9.80
CA ALA A 222 -32.62 23.67 -10.38
C ALA A 222 -33.05 23.75 -11.85
N THR A 223 -33.43 24.94 -12.30
CA THR A 223 -33.64 25.21 -13.73
C THR A 223 -32.41 25.91 -14.31
N ASP A 224 -31.26 25.25 -14.15
CA ASP A 224 -30.01 25.85 -14.57
C ASP A 224 -28.98 24.75 -14.75
N THR A 225 -27.92 25.08 -15.49
CA THR A 225 -26.83 24.15 -15.75
C THR A 225 -25.47 24.75 -15.36
N ASN A 226 -25.46 25.72 -14.44
CA ASN A 226 -24.22 26.34 -13.99
C ASN A 226 -23.63 25.66 -12.77
N ASN A 227 -24.23 24.57 -12.30
CA ASN A 227 -23.72 23.89 -11.10
C ASN A 227 -22.37 23.26 -11.35
N ALA A 228 -22.15 22.71 -12.55
CA ALA A 228 -20.85 22.14 -12.86
C ALA A 228 -19.75 23.20 -12.83
N GLN A 229 -20.04 24.39 -13.33
CA GLN A 229 -19.06 25.47 -13.29
C GLN A 229 -18.79 25.93 -11.86
N VAL A 230 -19.84 25.99 -11.03
CA VAL A 230 -19.65 26.37 -9.64
C VAL A 230 -18.75 25.37 -8.93
N ILE A 231 -19.03 24.08 -9.12
CA ILE A 231 -18.19 23.05 -8.55
C ILE A 231 -16.76 23.16 -9.07
N PHE A 232 -16.61 23.41 -10.37
CA PHE A 232 -15.27 23.47 -10.96
C PHE A 232 -14.45 24.62 -10.37
N ASP A 233 -15.06 25.80 -10.24
CA ASP A 233 -14.30 26.94 -9.74
C ASP A 233 -13.98 26.78 -8.25
N ALA A 234 -14.95 26.28 -7.47
CA ALA A 234 -14.65 26.01 -6.07
C ALA A 234 -13.54 24.97 -5.93
N VAL A 235 -13.58 23.93 -6.77
CA VAL A 235 -12.58 22.87 -6.69
C VAL A 235 -11.21 23.39 -7.12
N THR A 236 -11.15 24.29 -8.11
CA THR A 236 -9.87 24.88 -8.47
C THR A 236 -9.30 25.70 -7.32
N ASP A 237 -10.16 26.45 -6.64
CA ASP A 237 -9.69 27.18 -5.46
C ASP A 237 -9.16 26.23 -4.39
N ILE A 238 -9.89 25.13 -4.16
CA ILE A 238 -9.46 24.16 -3.15
C ILE A 238 -8.16 23.50 -3.56
N ILE A 239 -7.98 23.23 -4.85
CA ILE A 239 -6.75 22.60 -5.34
C ILE A 239 -5.56 23.53 -5.13
N ILE A 240 -5.71 24.82 -5.47
CA ILE A 240 -4.59 25.72 -5.27
C ILE A 240 -4.29 25.87 -3.79
N ALA A 241 -5.32 25.88 -2.94
CA ALA A 241 -5.10 26.01 -1.51
C ALA A 241 -4.38 24.80 -0.95
N ASN A 242 -4.80 23.59 -1.33
CA ASN A 242 -4.16 22.38 -0.82
C ASN A 242 -2.75 22.25 -1.35
N ASN A 243 -2.51 22.63 -2.61
CA ASN A 243 -1.16 22.63 -3.15
C ASN A 243 -0.27 23.61 -2.40
N LEU A 244 -0.80 24.79 -2.07
CA LEU A 244 -0.04 25.78 -1.32
C LEU A 244 0.29 25.27 0.09
N ARG A 245 -0.67 24.60 0.74
CA ARG A 245 -0.40 24.02 2.05
C ARG A 245 0.65 22.92 1.96
N GLY A 246 0.60 22.11 0.91
CA GLY A 246 1.58 21.05 0.75
C GLY A 246 3.00 21.55 0.60
N CYS A 247 3.16 22.77 0.08
CA CYS A 247 4.46 23.39 -0.08
C CYS A 247 4.89 24.18 1.15
N GLY A 248 4.05 24.25 2.18
CA GLY A 248 4.35 25.04 3.36
C GLY A 248 4.25 26.53 3.15
N LEU A 249 3.71 26.97 2.03
CA LEU A 249 3.64 28.38 1.66
C LEU A 249 2.33 29.03 2.07
N TYR A 250 1.45 28.31 2.75
CA TYR A 250 0.12 28.81 3.06
C TYR A 250 -0.42 28.16 4.33
N GLU B 13 -50.45 -4.93 27.13
CA GLU B 13 -49.58 -6.06 27.40
C GLU B 13 -48.13 -5.72 27.09
N LEU B 14 -47.93 -4.58 26.42
CA LEU B 14 -46.57 -4.14 26.09
C LEU B 14 -45.76 -3.86 27.36
N ASP B 15 -46.38 -3.20 28.34
CA ASP B 15 -45.68 -2.92 29.59
C ASP B 15 -45.33 -4.21 30.32
N GLN B 16 -46.21 -5.20 30.29
CA GLN B 16 -45.91 -6.48 30.92
C GLN B 16 -44.73 -7.16 30.24
N LEU B 17 -44.68 -7.12 28.91
CA LEU B 17 -43.54 -7.70 28.20
C LEU B 17 -42.25 -6.97 28.51
N ARG B 18 -42.30 -5.64 28.59
CA ARG B 18 -41.11 -4.88 28.93
C ARG B 18 -40.63 -5.21 30.34
N GLN B 19 -41.55 -5.34 31.29
CA GLN B 19 -41.17 -5.71 32.64
C GLN B 19 -40.60 -7.13 32.68
N GLU B 20 -41.16 -8.04 31.90
CA GLU B 20 -40.61 -9.39 31.82
C GLU B 20 -39.20 -9.38 31.27
N ALA B 21 -38.95 -8.57 30.24
CA ALA B 21 -37.60 -8.45 29.70
C ALA B 21 -36.64 -7.87 30.73
N GLU B 22 -37.10 -6.86 31.48
CA GLU B 22 -36.24 -6.26 32.51
C GLU B 22 -35.91 -7.28 33.60
N GLN B 23 -36.90 -8.06 34.05
CA GLN B 23 -36.64 -9.04 35.08
C GLN B 23 -35.79 -10.20 34.56
N LEU B 24 -35.92 -10.55 33.28
CA LEU B 24 -35.05 -11.55 32.70
C LEU B 24 -33.62 -11.07 32.62
N LYS B 25 -33.42 -9.79 32.28
CA LYS B 25 -32.07 -9.22 32.30
C LYS B 25 -31.51 -9.23 33.72
N ASN B 26 -32.34 -8.90 34.70
CA ASN B 26 -31.89 -8.95 36.09
C ASN B 26 -31.52 -10.37 36.50
N GLN B 27 -32.29 -11.36 36.07
CA GLN B 27 -31.97 -12.76 36.37
C GLN B 27 -30.67 -13.17 35.72
N ILE B 28 -30.43 -12.75 34.47
CA ILE B 28 -29.18 -13.05 33.80
C ILE B 28 -28.00 -12.43 34.55
N ARG B 29 -28.16 -11.17 34.96
CA ARG B 29 -27.10 -10.49 35.71
C ARG B 29 -26.82 -11.20 37.03
N ASP B 30 -27.88 -11.63 37.74
CA ASP B 30 -27.69 -12.33 38.99
C ASP B 30 -26.99 -13.66 38.79
N ALA B 31 -27.37 -14.40 37.74
CA ALA B 31 -26.73 -15.67 37.46
C ALA B 31 -25.26 -15.48 37.10
N ARG B 32 -24.95 -14.46 36.31
CA ARG B 32 -23.57 -14.22 35.93
C ARG B 32 -22.72 -13.77 37.11
N LYS B 33 -23.29 -12.95 38.00
CA LYS B 33 -22.57 -12.52 39.18
C LYS B 33 -22.43 -13.64 40.22
N ALA B 34 -23.35 -14.60 40.21
CA ALA B 34 -23.24 -15.73 41.14
C ALA B 34 -22.06 -16.62 40.83
N CYS B 35 -21.65 -16.69 39.55
CA CYS B 35 -20.55 -17.55 39.15
C CYS B 35 -19.19 -16.90 39.30
N ALA B 36 -19.13 -15.60 39.59
CA ALA B 36 -17.86 -14.88 39.71
C ALA B 36 -17.29 -15.04 41.12
N ASP B 37 -16.89 -16.28 41.42
CA ASP B 37 -16.32 -16.55 42.73
C ASP B 37 -14.90 -16.00 42.87
N ALA B 38 -14.13 -15.99 41.79
CA ALA B 38 -12.77 -15.47 41.81
C ALA B 38 -12.42 -14.96 40.42
N THR B 39 -11.92 -13.73 40.37
CA THR B 39 -11.58 -13.12 39.09
C THR B 39 -10.33 -13.75 38.50
N LEU B 40 -10.06 -13.42 37.23
CA LEU B 40 -8.90 -13.99 36.54
C LEU B 40 -7.59 -13.56 37.19
N SER B 41 -7.51 -12.28 37.61
CA SER B 41 -6.26 -11.78 38.17
C SER B 41 -5.90 -12.48 39.47
N GLN B 42 -6.88 -12.68 40.36
CA GLN B 42 -6.61 -13.37 41.61
C GLN B 42 -6.20 -14.82 41.41
N ILE B 43 -6.40 -15.37 40.22
CA ILE B 43 -6.01 -16.73 39.91
C ILE B 43 -4.64 -16.79 39.24
N THR B 44 -4.39 -15.89 38.29
CA THR B 44 -3.14 -15.87 37.56
C THR B 44 -2.11 -14.92 38.15
N ASN B 45 -2.32 -14.45 39.37
CA ASN B 45 -1.30 -13.67 40.07
C ASN B 45 -0.05 -14.47 40.40
N ASN B 46 -0.10 -15.80 40.31
CA ASN B 46 1.00 -16.65 40.73
C ASN B 46 1.89 -17.12 39.58
N ILE B 47 1.64 -16.67 38.36
CA ILE B 47 2.41 -17.09 37.20
C ILE B 47 3.43 -16.01 36.85
N ASP B 48 4.57 -16.44 36.34
CA ASP B 48 5.64 -15.51 36.00
C ASP B 48 5.24 -14.69 34.78
N PRO B 49 5.42 -13.38 34.81
CA PRO B 49 5.10 -12.56 33.63
C PRO B 49 6.03 -12.87 32.46
N VAL B 50 5.52 -12.64 31.25
CA VAL B 50 6.31 -12.87 30.06
C VAL B 50 7.43 -11.87 29.88
N GLY B 51 7.45 -10.80 30.67
CA GLY B 51 8.48 -9.80 30.52
C GLY B 51 8.26 -8.98 29.26
N ARG B 52 9.32 -8.27 28.87
CA ARG B 52 9.26 -7.45 27.68
C ARG B 52 9.24 -8.34 26.43
N ILE B 53 8.33 -8.05 25.51
CA ILE B 53 8.24 -8.79 24.25
C ILE B 53 8.71 -7.88 23.12
N GLN B 54 9.99 -7.97 22.79
CA GLN B 54 10.58 -7.13 21.76
C GLN B 54 10.31 -7.77 20.39
N MET B 55 9.41 -7.17 19.63
CA MET B 55 9.09 -7.61 18.27
C MET B 55 9.65 -6.61 17.27
N ARG B 56 10.32 -7.12 16.26
CA ARG B 56 10.95 -6.28 15.24
C ARG B 56 10.26 -6.48 13.90
N THR B 57 10.21 -5.41 13.11
CA THR B 57 9.60 -5.46 11.78
C THR B 57 10.51 -6.27 10.86
N ARG B 58 10.17 -7.54 10.65
CA ARG B 58 10.98 -8.39 9.79
C ARG B 58 10.78 -8.05 8.32
N ARG B 59 9.54 -7.81 7.92
CA ARG B 59 9.21 -7.45 6.55
C ARG B 59 8.28 -6.25 6.54
N THR B 60 8.36 -5.48 5.46
CA THR B 60 7.40 -4.40 5.20
C THR B 60 6.87 -4.56 3.79
N LEU B 61 5.55 -4.65 3.66
CA LEU B 61 4.89 -4.88 2.38
C LEU B 61 4.48 -3.53 1.80
N ARG B 62 5.29 -3.03 0.86
CA ARG B 62 5.07 -1.71 0.27
C ARG B 62 4.42 -1.88 -1.10
N GLY B 63 3.12 -2.16 -1.10
CA GLY B 63 2.41 -2.27 -2.35
C GLY B 63 1.19 -1.39 -2.49
N HIS B 64 0.55 -1.05 -1.37
CA HIS B 64 -0.70 -0.31 -1.41
C HIS B 64 -0.42 1.18 -1.44
N LEU B 65 -1.34 1.93 -2.05
CA LEU B 65 -1.22 3.38 -2.20
C LEU B 65 -2.28 4.14 -1.44
N ALA B 66 -3.23 3.46 -0.80
CA ALA B 66 -4.24 4.09 0.04
C ALA B 66 -4.26 3.38 1.37
N LYS B 67 -5.13 3.86 2.27
CA LYS B 67 -5.21 3.29 3.60
C LYS B 67 -5.62 1.81 3.54
N ILE B 68 -4.87 0.98 4.24
CA ILE B 68 -5.20 -0.44 4.32
C ILE B 68 -6.27 -0.63 5.38
N TYR B 69 -7.37 -1.28 4.99
CA TYR B 69 -8.49 -1.47 5.90
C TYR B 69 -8.64 -2.89 6.41
N ALA B 70 -8.06 -3.86 5.71
CA ALA B 70 -8.19 -5.25 6.13
C ALA B 70 -6.96 -6.04 5.69
N MET B 71 -6.76 -7.16 6.37
CA MET B 71 -5.74 -8.13 6.00
C MET B 71 -6.17 -9.48 6.54
N HIS B 72 -5.65 -10.54 5.94
CA HIS B 72 -5.93 -11.88 6.44
C HIS B 72 -4.80 -12.81 6.04
N TRP B 73 -4.42 -13.70 6.95
CA TRP B 73 -3.38 -14.68 6.71
C TRP B 73 -3.95 -15.91 6.02
N GLY B 74 -3.11 -16.56 5.22
CA GLY B 74 -3.45 -17.87 4.71
C GLY B 74 -3.28 -18.94 5.77
N THR B 75 -3.96 -20.06 5.56
CA THR B 75 -3.86 -21.17 6.51
C THR B 75 -2.48 -21.80 6.51
N ASP B 76 -1.67 -21.53 5.50
CA ASP B 76 -0.29 -22.00 5.45
C ASP B 76 0.68 -21.05 6.14
N SER B 77 0.17 -19.95 6.71
CA SER B 77 0.96 -18.99 7.48
C SER B 77 2.00 -18.27 6.64
N ARG B 78 1.84 -18.28 5.32
CA ARG B 78 2.77 -17.60 4.42
C ARG B 78 2.08 -16.60 3.51
N LEU B 79 0.91 -16.93 2.98
CA LEU B 79 0.16 -16.00 2.14
C LEU B 79 -0.65 -15.06 3.02
N LEU B 80 -0.72 -13.80 2.60
CA LEU B 80 -1.55 -12.81 3.26
C LEU B 80 -2.25 -11.98 2.20
N VAL B 81 -3.56 -11.84 2.32
CA VAL B 81 -4.32 -10.94 1.47
C VAL B 81 -4.50 -9.63 2.23
N SER B 82 -4.45 -8.52 1.50
CA SER B 82 -4.65 -7.20 2.08
C SER B 82 -5.64 -6.43 1.22
N ALA B 83 -6.42 -5.57 1.85
CA ALA B 83 -7.41 -4.75 1.17
C ALA B 83 -7.15 -3.29 1.48
N SER B 84 -7.00 -2.48 0.44
CA SER B 84 -6.87 -1.04 0.58
C SER B 84 -7.93 -0.36 -0.27
N GLN B 85 -8.26 0.87 0.11
CA GLN B 85 -9.23 1.66 -0.64
C GLN B 85 -8.66 2.25 -1.91
N ASP B 86 -7.48 1.80 -2.32
CA ASP B 86 -7.00 2.05 -3.67
C ASP B 86 -7.77 1.25 -4.71
N GLY B 87 -8.62 0.32 -4.28
CA GLY B 87 -9.37 -0.53 -5.18
C GLY B 87 -8.73 -1.85 -5.48
N LYS B 88 -7.69 -2.25 -4.73
CA LYS B 88 -6.94 -3.46 -4.99
C LYS B 88 -6.95 -4.37 -3.78
N LEU B 89 -6.89 -5.67 -4.04
CA LEU B 89 -6.63 -6.68 -3.04
C LEU B 89 -5.39 -7.45 -3.48
N ILE B 90 -4.31 -7.34 -2.72
CA ILE B 90 -3.03 -7.93 -3.07
C ILE B 90 -2.79 -9.13 -2.17
N ILE B 91 -2.45 -10.26 -2.76
CA ILE B 91 -2.06 -11.45 -2.02
C ILE B 91 -0.54 -11.45 -1.90
N TRP B 92 -0.06 -11.49 -0.66
CA TRP B 92 1.35 -11.28 -0.35
C TRP B 92 2.05 -12.59 -0.04
N ASP B 93 3.32 -12.66 -0.41
CA ASP B 93 4.23 -13.70 0.05
C ASP B 93 5.03 -13.09 1.20
N SER B 94 4.69 -13.48 2.43
CA SER B 94 5.32 -12.84 3.59
C SER B 94 6.79 -13.22 3.71
N TYR B 95 7.17 -14.42 3.27
CA TYR B 95 8.55 -14.86 3.42
C TYR B 95 9.48 -14.09 2.49
N THR B 96 9.04 -13.86 1.25
CA THR B 96 9.89 -13.24 0.23
C THR B 96 9.45 -11.84 -0.18
N THR B 97 8.38 -11.31 0.44
CA THR B 97 7.86 -9.96 0.19
C THR B 97 7.21 -9.88 -1.20
N ASN B 98 7.31 -10.95 -1.99
CA ASN B 98 6.75 -10.94 -3.34
C ASN B 98 5.24 -10.79 -3.32
N LYS B 99 4.71 -10.21 -4.39
CA LYS B 99 3.28 -10.12 -4.62
C LYS B 99 2.88 -11.24 -5.58
N VAL B 100 1.99 -12.12 -5.13
CA VAL B 100 1.57 -13.23 -5.98
C VAL B 100 0.30 -12.91 -6.76
N HIS B 101 -0.53 -12.00 -6.29
CA HIS B 101 -1.77 -11.64 -6.95
C HIS B 101 -2.09 -10.18 -6.63
N ALA B 102 -2.64 -9.48 -7.62
CA ALA B 102 -3.19 -8.14 -7.43
C ALA B 102 -4.57 -8.11 -8.08
N ILE B 103 -5.61 -8.03 -7.26
CA ILE B 103 -6.99 -8.20 -7.69
C ILE B 103 -7.65 -6.83 -7.73
N PRO B 104 -7.98 -6.29 -8.91
CA PRO B 104 -8.70 -5.02 -8.96
C PRO B 104 -10.17 -5.22 -8.63
N LEU B 105 -10.70 -4.36 -7.76
CA LEU B 105 -12.06 -4.48 -7.27
C LEU B 105 -13.00 -3.57 -8.05
N ARG B 106 -14.23 -4.04 -8.23
CA ARG B 106 -15.25 -3.22 -8.89
C ARG B 106 -15.56 -1.98 -8.07
N SER B 107 -15.66 -2.13 -6.74
CA SER B 107 -15.87 -1.02 -5.83
C SER B 107 -14.62 -0.86 -4.97
N SER B 108 -14.05 0.35 -4.97
CA SER B 108 -12.84 0.63 -4.22
C SER B 108 -13.07 0.85 -2.73
N TRP B 109 -14.34 0.87 -2.29
CA TRP B 109 -14.66 1.14 -0.89
C TRP B 109 -14.74 -0.16 -0.10
N VAL B 110 -13.60 -0.85 -0.06
CA VAL B 110 -13.49 -2.14 0.60
C VAL B 110 -13.09 -1.92 2.06
N MET B 111 -13.80 -2.56 2.97
CA MET B 111 -13.51 -2.45 4.40
C MET B 111 -13.24 -3.79 5.06
N THR B 112 -13.27 -4.89 4.31
CA THR B 112 -12.94 -6.20 4.87
C THR B 112 -12.42 -7.09 3.75
N CYS B 113 -11.67 -8.11 4.17
CA CYS B 113 -11.19 -9.14 3.24
C CYS B 113 -10.93 -10.40 4.04
N ALA B 114 -11.12 -11.54 3.38
CA ALA B 114 -10.90 -12.84 3.98
C ALA B 114 -10.14 -13.72 3.02
N TYR B 115 -9.45 -14.71 3.58
CA TYR B 115 -8.70 -15.71 2.83
C TYR B 115 -9.26 -17.08 3.16
N ALA B 116 -9.67 -17.82 2.14
CA ALA B 116 -10.27 -19.12 2.41
C ALA B 116 -9.26 -20.05 3.08
N PRO B 117 -9.67 -20.87 4.05
CA PRO B 117 -8.73 -21.81 4.67
C PRO B 117 -8.13 -22.78 3.67
N SER B 118 -8.86 -23.15 2.62
CA SER B 118 -8.30 -23.96 1.55
C SER B 118 -7.32 -23.17 0.68
N GLY B 119 -7.42 -21.84 0.69
CA GLY B 119 -6.55 -21.00 -0.10
C GLY B 119 -7.00 -20.77 -1.53
N ASN B 120 -8.14 -21.32 -1.93
CA ASN B 120 -8.61 -21.17 -3.30
C ASN B 120 -9.46 -19.93 -3.53
N TYR B 121 -9.94 -19.29 -2.46
CA TYR B 121 -10.86 -18.18 -2.59
C TYR B 121 -10.44 -17.02 -1.70
N VAL B 122 -10.80 -15.82 -2.13
CA VAL B 122 -10.62 -14.59 -1.37
C VAL B 122 -11.93 -13.83 -1.37
N ALA B 123 -12.39 -13.42 -0.20
CA ALA B 123 -13.59 -12.61 -0.08
C ALA B 123 -13.22 -11.14 0.08
N CYS B 124 -14.19 -10.28 -0.18
CA CYS B 124 -13.98 -8.84 -0.18
C CYS B 124 -15.31 -8.11 -0.18
N GLY B 125 -15.47 -7.13 0.71
CA GLY B 125 -16.70 -6.37 0.79
C GLY B 125 -16.43 -5.00 1.36
N GLY B 126 -17.48 -4.18 1.39
CA GLY B 126 -17.35 -2.83 1.89
C GLY B 126 -18.60 -1.99 1.75
N LEU B 127 -18.44 -0.77 1.25
CA LEU B 127 -19.55 0.17 1.16
C LEU B 127 -20.53 -0.15 0.04
N ASP B 128 -20.22 -1.11 -0.82
CA ASP B 128 -21.15 -1.52 -1.86
C ASP B 128 -22.18 -2.53 -1.37
N ASN B 129 -22.11 -2.93 -0.10
CA ASN B 129 -23.02 -3.87 0.55
C ASN B 129 -22.94 -5.28 -0.03
N ILE B 130 -21.91 -5.57 -0.81
CA ILE B 130 -21.79 -6.84 -1.51
C ILE B 130 -20.48 -7.50 -1.11
N CYS B 131 -20.54 -8.79 -0.79
CA CYS B 131 -19.35 -9.60 -0.57
C CYS B 131 -19.02 -10.31 -1.87
N SER B 132 -17.81 -10.08 -2.38
CA SER B 132 -17.36 -10.66 -3.64
C SER B 132 -16.37 -11.78 -3.34
N ILE B 133 -16.63 -12.96 -3.90
CA ILE B 133 -15.76 -14.12 -3.75
C ILE B 133 -14.93 -14.25 -5.01
N TYR B 134 -13.62 -14.36 -4.84
CA TYR B 134 -12.68 -14.38 -5.95
C TYR B 134 -12.03 -15.75 -6.05
N ASN B 135 -11.99 -16.30 -7.26
CA ASN B 135 -11.38 -17.61 -7.50
C ASN B 135 -9.90 -17.41 -7.79
N LEU B 136 -9.05 -17.81 -6.85
CA LEU B 136 -7.61 -17.67 -7.04
C LEU B 136 -7.05 -18.73 -7.98
N LYS B 137 -7.66 -19.92 -8.01
CA LYS B 137 -7.17 -21.05 -8.78
C LYS B 137 -7.94 -21.25 -10.07
N THR B 138 -8.28 -20.17 -10.75
CA THR B 138 -8.98 -20.28 -12.02
C THR B 138 -8.10 -21.00 -13.05
N ARG B 139 -8.75 -21.83 -13.87
CA ARG B 139 -8.01 -22.58 -14.89
C ARG B 139 -7.44 -21.65 -15.97
N GLU B 140 -8.10 -20.51 -16.20
CA GLU B 140 -7.72 -19.57 -17.25
C GLU B 140 -6.65 -18.58 -16.81
N GLY B 141 -5.95 -18.85 -15.73
CA GLY B 141 -4.93 -17.92 -15.28
C GLY B 141 -5.39 -16.94 -14.21
N ASN B 142 -5.82 -15.75 -14.64
CA ASN B 142 -6.12 -14.64 -13.75
C ASN B 142 -7.19 -15.02 -12.72
N VAL B 143 -7.34 -14.13 -11.73
CA VAL B 143 -8.35 -14.28 -10.69
C VAL B 143 -9.68 -13.72 -11.19
N ARG B 144 -10.74 -14.51 -11.03
CA ARG B 144 -12.06 -14.11 -11.48
C ARG B 144 -13.01 -14.07 -10.30
N VAL B 145 -14.03 -13.19 -10.39
CA VAL B 145 -15.04 -13.07 -9.37
C VAL B 145 -15.98 -14.27 -9.52
N SER B 146 -15.83 -15.26 -8.65
CA SER B 146 -16.69 -16.43 -8.72
C SER B 146 -18.12 -16.08 -8.36
N ARG B 147 -18.32 -15.24 -7.35
CA ARG B 147 -19.64 -14.93 -6.84
C ARG B 147 -19.63 -13.54 -6.23
N GLU B 148 -20.76 -12.85 -6.36
CA GLU B 148 -20.98 -11.55 -5.72
C GLU B 148 -22.25 -11.68 -4.88
N LEU B 149 -22.07 -11.81 -3.57
CA LEU B 149 -23.17 -12.09 -2.64
C LEU B 149 -23.83 -10.77 -2.25
N ALA B 150 -24.96 -10.47 -2.86
CA ALA B 150 -25.66 -9.20 -2.66
C ALA B 150 -26.99 -9.47 -1.97
N GLY B 151 -26.99 -9.40 -0.64
CA GLY B 151 -28.22 -9.50 0.14
C GLY B 151 -28.31 -8.49 1.26
N HIS B 152 -27.20 -7.82 1.56
CA HIS B 152 -27.13 -6.89 2.67
C HIS B 152 -27.58 -5.50 2.23
N THR B 153 -28.27 -4.79 3.13
CA THR B 153 -28.69 -3.42 2.90
C THR B 153 -27.75 -2.40 3.52
N GLY B 154 -26.65 -2.86 4.13
CA GLY B 154 -25.66 -1.96 4.67
C GLY B 154 -24.27 -2.45 4.32
N TYR B 155 -23.28 -1.65 4.67
CA TYR B 155 -21.90 -1.96 4.34
C TYR B 155 -21.48 -3.27 4.99
N LEU B 156 -20.70 -4.07 4.26
CA LEU B 156 -20.16 -5.32 4.80
C LEU B 156 -18.91 -5.00 5.60
N SER B 157 -18.97 -5.21 6.91
CA SER B 157 -17.85 -4.88 7.79
C SER B 157 -16.90 -6.04 8.01
N CYS B 158 -17.38 -7.28 7.91
CA CYS B 158 -16.51 -8.43 8.06
C CYS B 158 -17.06 -9.60 7.26
N CYS B 159 -16.17 -10.54 6.96
CA CYS B 159 -16.53 -11.77 6.26
C CYS B 159 -15.50 -12.82 6.61
N ARG B 160 -15.96 -14.05 6.86
CA ARG B 160 -15.08 -15.15 7.23
C ARG B 160 -15.55 -16.42 6.54
N PHE B 161 -14.61 -17.14 5.94
CA PHE B 161 -14.92 -18.37 5.23
C PHE B 161 -15.06 -19.51 6.22
N LEU B 162 -16.23 -20.16 6.24
CA LEU B 162 -16.36 -21.41 6.97
C LEU B 162 -15.65 -22.55 6.23
N ASP B 163 -15.85 -22.61 4.92
CA ASP B 163 -15.12 -23.51 4.04
C ASP B 163 -15.17 -22.89 2.64
N ASP B 164 -14.84 -23.70 1.62
CA ASP B 164 -14.86 -23.20 0.25
C ASP B 164 -16.26 -22.79 -0.20
N ASN B 165 -17.31 -23.33 0.41
CA ASN B 165 -18.66 -23.14 -0.09
C ASN B 165 -19.50 -22.17 0.73
N GLN B 166 -19.27 -22.05 2.03
CA GLN B 166 -20.07 -21.17 2.86
C GLN B 166 -19.19 -20.12 3.53
N ILE B 167 -19.74 -18.92 3.65
CA ILE B 167 -19.06 -17.78 4.24
C ILE B 167 -20.05 -17.04 5.13
N VAL B 168 -19.59 -16.57 6.28
CA VAL B 168 -20.40 -15.75 7.17
C VAL B 168 -19.95 -14.30 7.04
N THR B 169 -20.90 -13.41 6.80
CA THR B 169 -20.62 -12.00 6.58
C THR B 169 -21.32 -11.17 7.65
N SER B 170 -20.66 -10.09 8.04
CA SER B 170 -21.20 -9.12 9.00
C SER B 170 -21.42 -7.80 8.29
N SER B 171 -22.55 -7.16 8.55
CA SER B 171 -22.93 -5.97 7.81
C SER B 171 -23.38 -4.87 8.76
N GLY B 172 -23.35 -3.64 8.23
CA GLY B 172 -23.76 -2.45 8.94
C GLY B 172 -25.24 -2.23 9.01
N ASP B 173 -26.05 -3.17 8.53
CA ASP B 173 -27.50 -3.13 8.71
C ASP B 173 -27.95 -4.01 9.87
N THR B 174 -27.08 -4.17 10.87
CA THR B 174 -27.39 -4.88 12.12
C THR B 174 -27.72 -6.35 11.90
N THR B 175 -27.17 -6.96 10.85
CA THR B 175 -27.43 -8.37 10.57
C THR B 175 -26.14 -9.08 10.19
N CYS B 176 -26.06 -10.35 10.56
CA CYS B 176 -25.03 -11.27 10.10
C CYS B 176 -25.69 -12.37 9.29
N ALA B 177 -25.06 -12.76 8.19
CA ALA B 177 -25.66 -13.71 7.27
C ALA B 177 -24.68 -14.83 6.96
N LEU B 178 -25.20 -16.05 6.87
CA LEU B 178 -24.45 -17.21 6.41
C LEU B 178 -24.88 -17.52 4.98
N TRP B 179 -23.92 -17.62 4.08
CA TRP B 179 -24.19 -17.74 2.66
C TRP B 179 -23.82 -19.11 2.14
N ASP B 180 -24.38 -19.45 0.99
CA ASP B 180 -23.98 -20.59 0.19
C ASP B 180 -23.42 -20.03 -1.11
N ILE B 181 -22.10 -20.08 -1.27
CA ILE B 181 -21.46 -19.39 -2.37
C ILE B 181 -21.85 -20.00 -3.71
N GLU B 182 -22.15 -21.29 -3.74
CA GLU B 182 -22.55 -21.94 -4.99
C GLU B 182 -23.84 -21.34 -5.52
N THR B 183 -24.83 -21.11 -4.65
CA THR B 183 -26.11 -20.56 -5.05
C THR B 183 -26.22 -19.06 -4.79
N GLY B 184 -25.31 -18.49 -3.98
CA GLY B 184 -25.33 -17.07 -3.73
C GLY B 184 -26.45 -16.59 -2.83
N GLN B 185 -27.02 -17.46 -2.02
CA GLN B 185 -28.17 -17.14 -1.19
C GLN B 185 -27.83 -17.25 0.29
N GLN B 186 -28.50 -16.43 1.09
CA GLN B 186 -28.33 -16.46 2.54
C GLN B 186 -28.96 -17.73 3.08
N THR B 187 -28.13 -18.72 3.43
CA THR B 187 -28.65 -19.90 4.09
C THR B 187 -29.29 -19.55 5.42
N THR B 188 -28.62 -18.71 6.20
CA THR B 188 -29.12 -18.27 7.49
C THR B 188 -28.86 -16.77 7.63
N THR B 189 -29.77 -16.08 8.31
CA THR B 189 -29.59 -14.68 8.67
C THR B 189 -29.66 -14.56 10.18
N PHE B 190 -28.62 -13.99 10.77
CA PHE B 190 -28.54 -13.81 12.21
C PHE B 190 -28.95 -12.39 12.55
N THR B 191 -30.05 -12.25 13.28
CA THR B 191 -30.61 -10.96 13.64
C THR B 191 -30.72 -10.84 15.14
N GLY B 192 -30.62 -9.61 15.63
CA GLY B 192 -30.69 -9.36 17.06
C GLY B 192 -29.81 -8.22 17.53
N HIS B 193 -28.81 -7.87 16.74
CA HIS B 193 -28.00 -6.70 17.04
C HIS B 193 -28.81 -5.43 16.80
N THR B 194 -28.69 -4.47 17.72
CA THR B 194 -29.37 -3.19 17.59
C THR B 194 -28.50 -2.12 16.94
N GLY B 195 -27.25 -2.46 16.60
CA GLY B 195 -26.37 -1.52 15.94
C GLY B 195 -25.59 -2.22 14.84
N ASP B 196 -24.80 -1.43 14.12
CA ASP B 196 -24.01 -1.96 13.02
C ASP B 196 -23.04 -3.01 13.53
N VAL B 197 -23.13 -4.22 12.99
CA VAL B 197 -22.18 -5.26 13.36
C VAL B 197 -20.84 -4.93 12.70
N MET B 198 -19.82 -4.68 13.52
CA MET B 198 -18.54 -4.19 13.03
C MET B 198 -17.43 -5.22 13.01
N SER B 199 -17.59 -6.32 13.75
CA SER B 199 -16.55 -7.33 13.85
C SER B 199 -17.18 -8.71 13.84
N LEU B 200 -16.33 -9.71 13.59
CA LEU B 200 -16.79 -11.08 13.47
C LEU B 200 -15.59 -12.03 13.54
N SER B 201 -15.67 -13.06 14.37
CA SER B 201 -14.64 -14.07 14.42
C SER B 201 -15.30 -15.43 14.57
N LEU B 202 -14.86 -16.39 13.77
CA LEU B 202 -15.40 -17.74 13.82
C LEU B 202 -14.56 -18.61 14.74
N ALA B 203 -15.22 -19.56 15.40
CA ALA B 203 -14.55 -20.43 16.34
C ALA B 203 -13.61 -21.39 15.61
N PRO B 204 -12.64 -21.97 16.32
CA PRO B 204 -11.75 -22.94 15.66
C PRO B 204 -12.47 -24.10 15.00
N ASP B 205 -13.58 -24.57 15.59
CA ASP B 205 -14.37 -25.62 14.96
C ASP B 205 -15.38 -25.07 13.96
N THR B 206 -15.54 -23.74 13.88
CA THR B 206 -16.48 -23.07 12.98
C THR B 206 -17.91 -23.56 13.18
N ARG B 207 -18.24 -24.08 14.35
CA ARG B 207 -19.61 -24.43 14.70
C ARG B 207 -20.37 -23.26 15.30
N LEU B 208 -19.68 -22.18 15.66
CA LEU B 208 -20.30 -20.97 16.17
C LEU B 208 -19.32 -19.82 15.99
N PHE B 209 -19.85 -18.60 16.06
CA PHE B 209 -19.03 -17.42 15.90
C PHE B 209 -19.58 -16.29 16.76
N VAL B 210 -18.72 -15.32 17.05
CA VAL B 210 -19.10 -14.13 17.81
C VAL B 210 -19.04 -12.94 16.87
N SER B 211 -19.90 -11.96 17.14
CA SER B 211 -19.94 -10.72 16.39
C SER B 211 -20.02 -9.55 17.35
N GLY B 212 -19.24 -8.51 17.08
CA GLY B 212 -19.27 -7.32 17.92
C GLY B 212 -19.89 -6.15 17.19
N ALA B 213 -20.98 -5.61 17.71
CA ALA B 213 -21.72 -4.56 17.05
C ALA B 213 -21.40 -3.20 17.68
N CYS B 214 -22.10 -2.17 17.20
CA CYS B 214 -21.93 -0.81 17.69
C CYS B 214 -22.82 -0.50 18.87
N ASP B 215 -23.68 -1.42 19.29
CA ASP B 215 -24.47 -1.27 20.49
C ASP B 215 -23.71 -1.69 21.74
N ALA B 216 -22.37 -1.76 21.65
CA ALA B 216 -21.51 -2.14 22.76
C ALA B 216 -21.85 -3.52 23.31
N SER B 217 -22.27 -4.44 22.43
CA SER B 217 -22.55 -5.80 22.82
C SER B 217 -21.96 -6.76 21.80
N ALA B 218 -21.63 -7.96 22.26
CA ALA B 218 -21.12 -9.02 21.41
C ALA B 218 -21.98 -10.25 21.63
N LYS B 219 -22.53 -10.78 20.54
CA LYS B 219 -23.43 -11.93 20.59
C LYS B 219 -22.72 -13.18 20.10
N LEU B 220 -22.99 -14.29 20.77
CA LEU B 220 -22.44 -15.59 20.38
C LEU B 220 -23.47 -16.30 19.52
N TRP B 221 -23.21 -16.32 18.21
CA TRP B 221 -24.07 -17.00 17.25
C TRP B 221 -23.53 -18.38 16.97
N ASP B 222 -24.42 -19.32 16.62
CA ASP B 222 -24.02 -20.61 16.10
C ASP B 222 -24.59 -20.75 14.69
N VAL B 223 -23.73 -21.15 13.75
CA VAL B 223 -24.09 -21.10 12.34
C VAL B 223 -25.13 -22.17 11.99
N ARG B 224 -25.10 -23.31 12.66
CA ARG B 224 -25.99 -24.41 12.30
C ARG B 224 -27.45 -24.07 12.59
N GLU B 225 -27.73 -23.57 13.81
CA GLU B 225 -29.11 -23.31 14.21
C GLU B 225 -29.56 -21.89 13.91
N GLY B 226 -28.64 -20.93 13.88
CA GLY B 226 -29.00 -19.57 13.56
C GLY B 226 -29.57 -18.75 14.71
N MET B 227 -29.26 -19.13 15.94
CA MET B 227 -29.80 -18.46 17.12
C MET B 227 -28.67 -17.88 17.96
N CYS B 228 -28.94 -16.74 18.57
CA CYS B 228 -27.97 -16.10 19.47
C CYS B 228 -27.93 -16.88 20.79
N ARG B 229 -26.85 -17.64 20.99
CA ARG B 229 -26.75 -18.44 22.20
C ARG B 229 -26.57 -17.56 23.43
N GLN B 230 -25.65 -16.60 23.37
CA GLN B 230 -25.35 -15.75 24.51
C GLN B 230 -25.08 -14.33 24.04
N THR B 231 -25.23 -13.38 24.97
CA THR B 231 -24.95 -11.98 24.72
C THR B 231 -24.00 -11.47 25.79
N PHE B 232 -22.93 -10.79 25.37
CA PHE B 232 -21.92 -10.25 26.27
C PHE B 232 -21.90 -8.74 26.13
N THR B 233 -22.44 -8.03 27.11
CA THR B 233 -22.48 -6.58 27.12
C THR B 233 -21.66 -6.07 28.31
N GLY B 234 -20.41 -5.71 28.04
CA GLY B 234 -19.55 -5.17 29.07
C GLY B 234 -18.88 -3.87 28.67
N HIS B 235 -18.85 -3.59 27.38
CA HIS B 235 -18.14 -2.43 26.87
C HIS B 235 -18.98 -1.16 27.06
N GLU B 236 -18.34 -0.01 26.81
CA GLU B 236 -18.98 1.29 26.94
C GLU B 236 -19.20 1.99 25.61
N SER B 237 -18.57 1.53 24.54
CA SER B 237 -18.71 2.16 23.23
C SER B 237 -18.76 1.07 22.17
N ASP B 238 -18.69 1.47 20.91
CA ASP B 238 -18.80 0.54 19.80
C ASP B 238 -17.65 -0.45 19.82
N ILE B 239 -17.97 -1.72 19.61
CA ILE B 239 -16.95 -2.77 19.51
C ILE B 239 -16.43 -2.79 18.08
N ASN B 240 -15.12 -2.65 17.93
CA ASN B 240 -14.49 -2.58 16.62
C ASN B 240 -13.83 -3.88 16.19
N ALA B 241 -13.36 -4.69 17.15
CA ALA B 241 -12.67 -5.92 16.83
C ALA B 241 -13.12 -7.01 17.79
N ILE B 242 -13.00 -8.26 17.33
CA ILE B 242 -13.35 -9.42 18.13
C ILE B 242 -12.50 -10.58 17.64
N CYS B 243 -12.15 -11.48 18.56
CA CYS B 243 -11.26 -12.58 18.26
C CYS B 243 -11.44 -13.66 19.32
N PHE B 244 -11.49 -14.92 18.87
CA PHE B 244 -11.61 -16.03 19.80
C PHE B 244 -10.27 -16.37 20.44
N PHE B 245 -10.35 -16.80 21.69
CA PHE B 245 -9.21 -17.46 22.32
C PHE B 245 -8.91 -18.76 21.58
N PRO B 246 -7.64 -19.15 21.48
CA PRO B 246 -7.31 -20.35 20.68
C PRO B 246 -8.05 -21.60 21.11
N ASN B 247 -8.38 -21.75 22.40
CA ASN B 247 -9.17 -22.89 22.84
C ASN B 247 -10.59 -22.85 22.29
N GLY B 248 -11.07 -21.67 21.90
CA GLY B 248 -12.43 -21.52 21.45
C GLY B 248 -13.45 -21.32 22.55
N ASN B 249 -13.03 -21.34 23.82
CA ASN B 249 -13.91 -21.16 24.96
C ASN B 249 -13.85 -19.76 25.53
N ALA B 250 -13.22 -18.82 24.84
CA ALA B 250 -13.16 -17.44 25.29
C ALA B 250 -12.90 -16.56 24.08
N PHE B 251 -13.13 -15.27 24.24
CA PHE B 251 -12.84 -14.32 23.16
C PHE B 251 -12.52 -12.97 23.76
N ALA B 252 -11.87 -12.13 22.96
CA ALA B 252 -11.51 -10.78 23.35
C ALA B 252 -12.14 -9.78 22.39
N THR B 253 -12.69 -8.71 22.95
CA THR B 253 -13.38 -7.68 22.18
C THR B 253 -12.74 -6.34 22.46
N GLY B 254 -12.29 -5.65 21.41
CA GLY B 254 -11.69 -4.34 21.52
C GLY B 254 -12.64 -3.28 20.99
N SER B 255 -12.90 -2.27 21.81
CA SER B 255 -13.90 -1.27 21.51
C SER B 255 -13.26 0.10 21.26
N ASP B 256 -14.11 1.06 20.93
CA ASP B 256 -13.70 2.46 20.81
C ASP B 256 -13.52 3.12 22.17
N ASP B 257 -13.83 2.42 23.26
CA ASP B 257 -13.61 2.89 24.62
C ASP B 257 -12.14 2.82 25.04
N ALA B 258 -11.23 2.56 24.09
CA ALA B 258 -9.80 2.43 24.35
C ALA B 258 -9.48 1.25 25.25
N THR B 259 -10.39 0.28 25.35
CA THR B 259 -10.18 -0.91 26.16
C THR B 259 -10.59 -2.14 25.38
N CYS B 260 -9.90 -3.24 25.62
CA CYS B 260 -10.27 -4.54 25.10
C CYS B 260 -10.47 -5.49 26.27
N ARG B 261 -11.50 -6.32 26.20
CA ARG B 261 -11.92 -7.11 27.34
C ARG B 261 -11.99 -8.57 26.94
N LEU B 262 -11.74 -9.45 27.92
CA LEU B 262 -11.77 -10.89 27.71
C LEU B 262 -13.06 -11.45 28.28
N PHE B 263 -13.79 -12.19 27.46
CA PHE B 263 -15.04 -12.80 27.86
C PHE B 263 -14.90 -14.32 27.80
N ASP B 264 -15.63 -15.00 28.68
CA ASP B 264 -15.65 -16.45 28.73
C ASP B 264 -17.00 -16.95 28.23
N LEU B 265 -16.98 -17.89 27.28
CA LEU B 265 -18.22 -18.42 26.75
C LEU B 265 -19.00 -19.20 27.81
N ARG B 266 -18.30 -20.05 28.55
CA ARG B 266 -18.96 -20.87 29.56
C ARG B 266 -19.33 -20.06 30.80
N ALA B 267 -18.44 -19.20 31.27
CA ALA B 267 -18.74 -18.36 32.43
C ALA B 267 -19.69 -17.22 32.09
N ASP B 268 -19.89 -16.91 30.81
CA ASP B 268 -20.91 -15.95 30.34
C ASP B 268 -20.60 -14.51 30.76
N GLN B 269 -19.37 -14.20 31.12
CA GLN B 269 -19.09 -12.83 31.49
C GLN B 269 -17.63 -12.51 31.24
N GLU B 270 -17.23 -11.30 31.60
CA GLU B 270 -15.88 -10.85 31.35
C GLU B 270 -14.91 -11.40 32.40
N LEU B 271 -13.69 -11.65 31.94
CA LEU B 271 -12.62 -12.20 32.77
C LEU B 271 -11.57 -11.16 33.12
N MET B 272 -11.10 -10.40 32.14
CA MET B 272 -10.13 -9.33 32.38
C MET B 272 -10.36 -8.22 31.37
N THR B 273 -9.95 -7.02 31.76
CA THR B 273 -10.00 -5.85 30.90
C THR B 273 -8.58 -5.31 30.73
N TYR B 274 -8.25 -4.92 29.50
CA TYR B 274 -6.90 -4.49 29.15
C TYR B 274 -6.96 -3.01 28.80
N SER B 275 -6.86 -2.17 29.84
CA SER B 275 -6.93 -0.73 29.69
C SER B 275 -5.77 -0.08 30.43
N HIS B 276 -5.33 1.06 29.92
CA HIS B 276 -4.26 1.83 30.53
C HIS B 276 -4.66 3.29 30.59
N ASP B 277 -4.16 4.00 31.60
CA ASP B 277 -4.54 5.39 31.79
C ASP B 277 -4.06 6.26 30.63
N ASN B 278 -2.86 6.00 30.12
CA ASN B 278 -2.30 6.78 29.04
C ASN B 278 -2.78 6.33 27.66
N ILE B 279 -3.88 5.58 27.60
CA ILE B 279 -4.45 5.11 26.35
C ILE B 279 -5.86 5.67 26.24
N ILE B 280 -6.10 6.44 25.18
CA ILE B 280 -7.43 6.98 24.90
C ILE B 280 -7.92 6.66 23.51
N CYS B 281 -7.05 6.32 22.56
CA CYS B 281 -7.50 5.94 21.23
C CYS B 281 -8.19 4.58 21.28
N GLY B 282 -9.23 4.43 20.47
CA GLY B 282 -9.98 3.19 20.46
C GLY B 282 -9.24 2.06 19.76
N ILE B 283 -9.67 0.84 20.08
CA ILE B 283 -9.12 -0.35 19.43
C ILE B 283 -9.66 -0.43 18.01
N THR B 284 -8.80 -0.88 17.09
CA THR B 284 -9.23 -1.17 15.72
C THR B 284 -9.14 -2.66 15.38
N SER B 285 -8.20 -3.38 15.98
CA SER B 285 -8.02 -4.80 15.70
C SER B 285 -7.53 -5.49 16.97
N VAL B 286 -7.95 -6.73 17.16
CA VAL B 286 -7.53 -7.55 18.29
C VAL B 286 -7.18 -8.93 17.76
N SER B 287 -6.08 -9.49 18.27
CA SER B 287 -5.67 -10.83 17.88
C SER B 287 -4.97 -11.50 19.05
N PHE B 288 -5.03 -12.83 19.07
CA PHE B 288 -4.42 -13.64 20.11
C PHE B 288 -3.17 -14.32 19.57
N SER B 289 -2.31 -14.74 20.49
CA SER B 289 -1.14 -15.52 20.12
C SER B 289 -1.53 -16.99 19.95
N LYS B 290 -0.56 -17.80 19.51
CA LYS B 290 -0.85 -19.20 19.25
C LYS B 290 -1.28 -19.93 20.52
N SER B 291 -0.62 -19.67 21.63
CA SER B 291 -0.99 -20.24 22.91
C SER B 291 -2.04 -19.43 23.65
N GLY B 292 -2.40 -18.25 23.14
CA GLY B 292 -3.38 -17.40 23.78
C GLY B 292 -2.88 -16.58 24.93
N ARG B 293 -1.58 -16.64 25.23
CA ARG B 293 -1.04 -15.87 26.36
C ARG B 293 -0.91 -14.39 26.03
N LEU B 294 -0.67 -14.06 24.77
CA LEU B 294 -0.53 -12.67 24.35
C LEU B 294 -1.76 -12.23 23.60
N LEU B 295 -2.25 -11.03 23.92
CA LEU B 295 -3.35 -10.39 23.22
C LEU B 295 -2.80 -9.16 22.52
N LEU B 296 -2.66 -9.23 21.20
CA LEU B 296 -2.15 -8.12 20.42
C LEU B 296 -3.32 -7.27 19.94
N ALA B 297 -3.34 -6.01 20.36
CA ALA B 297 -4.44 -5.11 20.06
C ALA B 297 -3.91 -3.91 19.26
N GLY B 298 -4.57 -3.63 18.14
CA GLY B 298 -4.21 -2.48 17.32
C GLY B 298 -5.03 -1.26 17.73
N TYR B 299 -4.37 -0.10 17.72
CA TYR B 299 -4.94 1.12 18.25
C TYR B 299 -4.96 2.22 17.20
N ASP B 300 -5.90 3.15 17.35
CA ASP B 300 -5.92 4.36 16.55
C ASP B 300 -4.79 5.31 16.91
N ASP B 301 -4.06 5.05 17.99
CA ASP B 301 -2.93 5.84 18.44
C ASP B 301 -1.66 5.51 17.67
N PHE B 302 -1.78 4.84 16.53
CA PHE B 302 -0.71 4.47 15.60
C PHE B 302 0.15 3.34 16.13
N ASN B 303 -0.24 2.70 17.23
CA ASN B 303 0.58 1.70 17.88
C ASN B 303 -0.23 0.43 18.10
N CYS B 304 0.50 -0.69 18.22
CA CYS B 304 -0.07 -1.97 18.59
C CYS B 304 0.53 -2.39 19.92
N ASN B 305 -0.33 -2.69 20.89
CA ASN B 305 0.11 -3.06 22.23
C ASN B 305 -0.05 -4.55 22.42
N VAL B 306 1.02 -5.20 22.86
CA VAL B 306 0.97 -6.61 23.24
C VAL B 306 0.59 -6.69 24.71
N TRP B 307 -0.47 -7.42 24.99
CA TRP B 307 -0.97 -7.57 26.35
C TRP B 307 -0.74 -9.00 26.83
N ASP B 308 -0.39 -9.16 28.10
CA ASP B 308 -0.38 -10.46 28.72
C ASP B 308 -1.83 -10.84 29.02
N ALA B 309 -2.37 -11.77 28.24
CA ALA B 309 -3.80 -12.07 28.31
C ALA B 309 -4.24 -12.56 29.68
N LEU B 310 -3.32 -13.11 30.47
CA LEU B 310 -3.65 -13.58 31.81
C LEU B 310 -3.29 -12.59 32.90
N LYS B 311 -2.17 -11.87 32.76
CA LYS B 311 -1.76 -10.88 33.73
C LYS B 311 -2.36 -9.50 33.47
N ALA B 312 -2.89 -9.27 32.27
CA ALA B 312 -3.54 -8.01 31.92
C ALA B 312 -2.59 -6.82 32.08
N ASP B 313 -1.33 -7.01 31.72
CA ASP B 313 -0.36 -5.92 31.71
C ASP B 313 0.39 -5.93 30.38
N ARG B 314 0.81 -4.75 29.94
CA ARG B 314 1.44 -4.62 28.65
C ARG B 314 2.80 -5.30 28.64
N ALA B 315 2.99 -6.24 27.72
CA ALA B 315 4.26 -6.92 27.53
C ALA B 315 5.11 -6.28 26.44
N GLY B 316 4.59 -5.29 25.73
CA GLY B 316 5.34 -4.66 24.67
C GLY B 316 4.46 -3.75 23.85
N VAL B 317 5.10 -3.05 22.92
CA VAL B 317 4.43 -2.14 22.00
C VAL B 317 5.00 -2.36 20.60
N LEU B 318 4.13 -2.53 19.62
CA LEU B 318 4.55 -2.69 18.23
C LEU B 318 4.41 -1.34 17.51
N ALA B 319 5.28 -0.42 17.89
CA ALA B 319 5.29 0.92 17.30
C ALA B 319 6.13 0.92 16.02
N GLY B 320 5.76 1.81 15.10
CA GLY B 320 6.39 1.82 13.80
C GLY B 320 5.42 2.00 12.64
N HIS B 321 4.18 2.37 12.94
CA HIS B 321 3.20 2.72 11.93
C HIS B 321 2.89 4.20 12.03
N ASP B 322 2.88 4.88 10.89
CA ASP B 322 2.71 6.32 10.85
C ASP B 322 1.25 6.76 10.90
N ASN B 323 0.31 5.82 10.91
CA ASN B 323 -1.11 6.14 11.02
C ASN B 323 -1.79 5.02 11.77
N ARG B 324 -3.11 5.16 11.96
CA ARG B 324 -3.86 4.18 12.72
C ARG B 324 -3.73 2.79 12.10
N VAL B 325 -3.39 1.81 12.93
CA VAL B 325 -3.33 0.43 12.47
C VAL B 325 -4.76 -0.09 12.35
N SER B 326 -5.15 -0.48 11.15
CA SER B 326 -6.53 -0.88 10.89
C SER B 326 -6.76 -2.37 11.08
N CYS B 327 -5.71 -3.17 10.96
CA CYS B 327 -5.86 -4.62 11.03
C CYS B 327 -4.62 -5.22 11.65
N LEU B 328 -4.79 -6.43 12.20
CA LEU B 328 -3.71 -7.19 12.78
C LEU B 328 -4.05 -8.66 12.68
N GLY B 329 -3.06 -9.49 12.42
CA GLY B 329 -3.28 -10.91 12.32
C GLY B 329 -2.07 -11.74 12.67
N VAL B 330 -2.26 -12.80 13.45
CA VAL B 330 -1.21 -13.72 13.81
C VAL B 330 -1.36 -14.98 13.00
N THR B 331 -0.25 -15.48 12.46
CA THR B 331 -0.28 -16.67 11.63
C THR B 331 -0.81 -17.87 12.41
N ASP B 332 -1.28 -18.89 11.67
CA ASP B 332 -1.85 -20.06 12.32
C ASP B 332 -0.80 -20.83 13.12
N ASP B 333 0.46 -20.75 12.73
CA ASP B 333 1.53 -21.34 13.51
C ASP B 333 2.12 -20.36 14.53
N GLY B 334 1.59 -19.15 14.61
CA GLY B 334 2.03 -18.18 15.60
C GLY B 334 3.41 -17.60 15.35
N MET B 335 4.00 -17.87 14.19
CA MET B 335 5.37 -17.42 13.94
C MET B 335 5.48 -15.91 13.93
N ALA B 336 4.53 -15.23 13.29
CA ALA B 336 4.63 -13.80 13.09
C ALA B 336 3.25 -13.17 13.24
N VAL B 337 3.26 -11.85 13.42
CA VAL B 337 2.05 -11.04 13.45
C VAL B 337 2.19 -9.95 12.40
N ALA B 338 1.16 -9.79 11.58
CA ALA B 338 1.14 -8.77 10.54
C ALA B 338 0.18 -7.67 10.95
N THR B 339 0.62 -6.43 10.82
CA THR B 339 -0.22 -5.26 11.07
C THR B 339 -0.28 -4.42 9.82
N GLY B 340 -1.49 -4.10 9.38
CA GLY B 340 -1.69 -3.11 8.35
C GLY B 340 -2.15 -1.81 8.98
N SER B 341 -1.93 -0.71 8.27
CA SER B 341 -2.25 0.60 8.83
C SER B 341 -2.71 1.53 7.73
N TRP B 342 -3.22 2.69 8.17
CA TRP B 342 -3.71 3.70 7.26
C TRP B 342 -2.60 4.39 6.48
N ASP B 343 -1.34 4.14 6.82
CA ASP B 343 -0.21 4.66 6.06
C ASP B 343 0.13 3.80 4.85
N SER B 344 -0.78 2.91 4.45
CA SER B 344 -0.62 2.07 3.26
C SER B 344 0.56 1.10 3.38
N PHE B 345 0.91 0.73 4.61
CA PHE B 345 2.03 -0.17 4.83
C PHE B 345 1.57 -1.33 5.70
N LEU B 346 2.01 -2.52 5.34
CA LEU B 346 1.77 -3.73 6.11
C LEU B 346 3.13 -4.28 6.53
N LYS B 347 3.32 -4.45 7.84
CA LYS B 347 4.60 -4.83 8.40
C LYS B 347 4.47 -6.15 9.14
N ILE B 348 5.39 -7.06 8.88
CA ILE B 348 5.42 -8.35 9.58
C ILE B 348 6.35 -8.21 10.77
N TRP B 349 5.86 -8.60 11.94
CA TRP B 349 6.61 -8.52 13.18
C TRP B 349 6.92 -9.92 13.69
N ASN B 350 8.06 -10.06 14.35
CA ASN B 350 8.46 -11.35 14.90
C ASN B 350 9.48 -11.17 16.01
N ALA C 7 -46.42 -5.12 15.50
CA ALA C 7 -45.22 -4.33 15.27
C ALA C 7 -44.28 -4.40 16.48
N SER C 8 -44.55 -3.53 17.46
CA SER C 8 -43.71 -3.51 18.66
C SER C 8 -44.00 -4.69 19.58
N ILE C 9 -45.23 -5.20 19.58
CA ILE C 9 -45.57 -6.34 20.41
C ILE C 9 -44.79 -7.57 19.98
N ALA C 10 -44.68 -7.80 18.67
CA ALA C 10 -43.91 -8.93 18.18
C ALA C 10 -42.44 -8.79 18.54
N GLN C 11 -41.89 -7.58 18.46
CA GLN C 11 -40.50 -7.34 18.84
C GLN C 11 -40.28 -7.63 20.33
N ALA C 12 -41.22 -7.18 21.18
CA ALA C 12 -41.10 -7.46 22.61
C ALA C 12 -41.20 -8.95 22.90
N ARG C 13 -42.10 -9.66 22.21
CA ARG C 13 -42.21 -11.09 22.40
C ARG C 13 -40.93 -11.81 21.98
N LYS C 14 -40.36 -11.42 20.85
CA LYS C 14 -39.10 -12.01 20.41
C LYS C 14 -37.99 -11.72 21.42
N LEU C 15 -37.95 -10.50 21.94
CA LEU C 15 -36.92 -10.14 22.91
C LEU C 15 -37.03 -10.97 24.18
N VAL C 16 -38.26 -11.14 24.69
CA VAL C 16 -38.41 -11.91 25.94
C VAL C 16 -38.13 -13.39 25.69
N GLU C 17 -38.52 -13.92 24.53
CA GLU C 17 -38.19 -15.30 24.22
C GLU C 17 -36.68 -15.51 24.14
N GLN C 18 -35.98 -14.58 23.48
CA GLN C 18 -34.53 -14.66 23.39
C GLN C 18 -33.87 -14.55 24.75
N LEU C 19 -34.38 -13.65 25.60
CA LEU C 19 -33.82 -13.50 26.94
C LEU C 19 -34.04 -14.75 27.77
N LYS C 20 -35.21 -15.38 27.66
CA LYS C 20 -35.44 -16.64 28.36
C LYS C 20 -34.48 -17.72 27.89
N MET C 21 -34.34 -17.86 26.57
CA MET C 21 -33.46 -18.90 26.03
C MET C 21 -32.02 -18.67 26.47
N GLU C 22 -31.57 -17.41 26.46
CA GLU C 22 -30.21 -17.10 26.91
C GLU C 22 -30.05 -17.37 28.40
N ALA C 23 -31.06 -17.02 29.21
CA ALA C 23 -31.00 -17.22 30.65
C ALA C 23 -31.09 -18.69 31.05
N ASN C 24 -31.47 -19.58 30.14
CA ASN C 24 -31.60 -21.00 30.42
C ASN C 24 -30.36 -21.77 29.99
N ILE C 25 -29.18 -21.16 30.12
CA ILE C 25 -27.92 -21.79 29.76
C ILE C 25 -27.15 -22.08 31.04
N ASP C 26 -26.57 -23.28 31.11
CA ASP C 26 -25.76 -23.65 32.26
C ASP C 26 -24.45 -22.88 32.27
N ARG C 27 -24.04 -22.43 33.46
CA ARG C 27 -22.86 -21.61 33.63
C ARG C 27 -21.87 -22.28 34.57
N ILE C 28 -20.61 -22.35 34.15
CA ILE C 28 -19.55 -22.90 34.98
C ILE C 28 -18.99 -21.80 35.86
N LYS C 29 -18.23 -22.17 36.88
CA LYS C 29 -17.61 -21.20 37.76
C LYS C 29 -16.55 -20.41 37.01
N VAL C 30 -16.40 -19.13 37.38
CA VAL C 30 -15.37 -18.30 36.77
C VAL C 30 -13.98 -18.80 37.15
N SER C 31 -13.84 -19.37 38.35
CA SER C 31 -12.56 -19.95 38.73
C SER C 31 -12.18 -21.10 37.80
N LYS C 32 -13.14 -21.95 37.45
CA LYS C 32 -12.87 -23.03 36.51
C LYS C 32 -12.54 -22.50 35.12
N ALA C 33 -13.25 -21.46 34.67
CA ALA C 33 -12.99 -20.88 33.35
C ALA C 33 -11.58 -20.30 33.28
N ALA C 34 -11.16 -19.61 34.33
CA ALA C 34 -9.81 -19.07 34.38
C ALA C 34 -8.78 -20.18 34.50
N ALA C 35 -9.09 -21.24 35.25
CA ALA C 35 -8.15 -22.34 35.41
C ALA C 35 -7.90 -23.05 34.08
N ASP C 36 -8.94 -23.26 33.28
CA ASP C 36 -8.72 -23.91 32.00
C ASP C 36 -7.99 -22.99 31.02
N LEU C 37 -8.23 -21.67 31.10
CA LEU C 37 -7.40 -20.77 30.29
C LEU C 37 -5.93 -20.84 30.68
N MET C 38 -5.64 -20.87 32.00
CA MET C 38 -4.27 -21.00 32.46
C MET C 38 -3.65 -22.32 32.00
N ALA C 39 -4.42 -23.40 32.07
CA ALA C 39 -3.92 -24.70 31.63
C ALA C 39 -3.60 -24.69 30.14
N TYR C 40 -4.46 -24.06 29.33
CA TYR C 40 -4.19 -23.98 27.91
C TYR C 40 -2.95 -23.15 27.62
N CYS C 41 -2.79 -22.02 28.31
CA CYS C 41 -1.64 -21.16 28.07
C CYS C 41 -0.34 -21.84 28.49
N GLU C 42 -0.37 -22.60 29.58
CA GLU C 42 0.83 -23.28 30.04
C GLU C 42 1.14 -24.53 29.22
N ALA C 43 0.11 -25.21 28.72
CA ALA C 43 0.35 -26.42 27.93
C ALA C 43 0.94 -26.09 26.56
N HIS C 44 0.61 -24.92 26.01
CA HIS C 44 1.07 -24.51 24.68
C HIS C 44 2.12 -23.41 24.73
N ALA C 45 2.67 -23.12 25.91
CA ALA C 45 3.66 -22.05 26.02
C ALA C 45 4.95 -22.40 25.29
N LYS C 46 5.35 -23.68 25.32
CA LYS C 46 6.60 -24.07 24.68
C LYS C 46 6.53 -23.94 23.16
N GLU C 47 5.34 -24.08 22.58
CA GLU C 47 5.16 -24.04 21.13
C GLU C 47 4.64 -22.70 20.64
N ASP C 48 4.63 -21.67 21.47
CA ASP C 48 4.21 -20.34 21.06
C ASP C 48 5.44 -19.57 20.61
N PRO C 49 5.60 -19.29 19.31
CA PRO C 49 6.83 -18.67 18.82
C PRO C 49 6.90 -17.15 19.01
N LEU C 50 5.95 -16.55 19.71
CA LEU C 50 5.93 -15.10 19.92
C LEU C 50 6.39 -14.68 21.30
N LEU C 51 5.93 -15.37 22.35
CA LEU C 51 6.36 -15.00 23.70
C LEU C 51 7.78 -15.50 24.01
N THR C 52 8.19 -16.64 23.45
CA THR C 52 9.60 -17.02 23.46
C THR C 52 10.14 -16.93 22.04
N PRO C 53 10.98 -15.94 21.72
CA PRO C 53 11.49 -15.83 20.36
C PRO C 53 12.26 -17.06 19.93
N VAL C 54 12.00 -17.50 18.70
CA VAL C 54 12.65 -18.68 18.12
C VAL C 54 13.98 -18.24 17.52
N PRO C 55 15.06 -19.00 17.71
CA PRO C 55 16.36 -18.59 17.14
C PRO C 55 16.29 -18.45 15.63
N ALA C 56 17.16 -17.59 15.09
CA ALA C 56 17.10 -17.24 13.67
C ALA C 56 17.30 -18.43 12.76
N SER C 57 17.85 -19.53 13.27
CA SER C 57 17.99 -20.74 12.44
C SER C 57 16.62 -21.27 12.02
N GLU C 58 15.66 -21.28 12.92
CA GLU C 58 14.31 -21.77 12.64
C GLU C 58 13.33 -20.65 12.33
N ASN C 59 13.78 -19.39 12.33
CA ASN C 59 12.89 -18.27 12.06
C ASN C 59 12.76 -18.06 10.55
N PRO C 60 11.56 -18.20 9.97
CA PRO C 60 11.42 -17.97 8.53
C PRO C 60 11.54 -16.52 8.13
N PHE C 61 11.49 -15.58 9.08
CA PHE C 61 11.54 -14.16 8.80
C PHE C 61 12.89 -13.55 9.19
N ARG C 62 13.95 -14.36 9.15
CA ARG C 62 15.28 -13.88 9.47
C ARG C 62 15.86 -13.04 8.33
N ASP D 1 -12.62 -22.85 -23.14
CA ASP D 1 -11.67 -23.82 -22.58
C ASP D 1 -10.24 -23.44 -22.92
N VAL D 2 -9.30 -23.88 -22.09
CA VAL D 2 -7.89 -23.60 -22.32
C VAL D 2 -7.42 -24.35 -23.55
N GLN D 3 -6.75 -23.65 -24.46
CA GLN D 3 -6.38 -24.21 -25.74
C GLN D 3 -5.10 -23.56 -26.23
N LEU D 4 -4.16 -24.39 -26.71
CA LEU D 4 -2.90 -23.92 -27.28
C LEU D 4 -2.72 -24.64 -28.62
N VAL D 5 -3.10 -23.99 -29.70
CA VAL D 5 -3.02 -24.57 -31.04
C VAL D 5 -1.81 -23.95 -31.74
N GLU D 6 -0.88 -24.79 -32.18
CA GLU D 6 0.31 -24.34 -32.87
C GLU D 6 0.30 -24.86 -34.31
N SER D 7 0.94 -24.11 -35.19
CA SER D 7 1.01 -24.46 -36.60
C SER D 7 2.27 -23.87 -37.19
N GLY D 8 2.69 -24.43 -38.32
CA GLY D 8 3.89 -23.97 -39.00
C GLY D 8 4.95 -25.03 -39.11
N GLY D 9 4.54 -26.29 -39.09
CA GLY D 9 5.44 -27.43 -39.16
C GLY D 9 5.27 -28.17 -40.47
N GLY D 10 6.39 -28.52 -41.09
CA GLY D 10 6.34 -29.23 -42.36
C GLY D 10 7.74 -29.50 -42.87
N LEU D 11 7.80 -29.96 -44.11
CA LEU D 11 9.07 -30.32 -44.71
C LEU D 11 9.87 -29.05 -45.03
N VAL D 12 11.08 -28.97 -44.47
CA VAL D 12 11.96 -27.82 -44.65
C VAL D 12 13.31 -28.31 -45.16
N GLN D 13 13.85 -27.62 -46.15
CA GLN D 13 15.18 -27.94 -46.65
C GLN D 13 16.23 -27.58 -45.60
N PRO D 14 17.33 -28.34 -45.52
CA PRO D 14 18.37 -28.03 -44.54
C PRO D 14 18.99 -26.66 -44.80
N GLY D 15 19.38 -25.99 -43.72
CA GLY D 15 19.96 -24.67 -43.80
C GLY D 15 18.97 -23.54 -43.98
N GLY D 16 17.68 -23.84 -44.00
CA GLY D 16 16.64 -22.85 -44.21
C GLY D 16 16.16 -22.24 -42.91
N SER D 17 14.92 -21.74 -42.94
CA SER D 17 14.31 -21.12 -41.77
C SER D 17 12.82 -21.41 -41.78
N ARG D 18 12.22 -21.38 -40.59
CA ARG D 18 10.79 -21.62 -40.45
C ARG D 18 10.34 -21.00 -39.13
N LYS D 19 9.16 -20.39 -39.14
CA LYS D 19 8.59 -19.76 -37.97
C LYS D 19 7.34 -20.51 -37.55
N LEU D 20 7.22 -20.80 -36.25
CA LEU D 20 6.12 -21.58 -35.71
C LEU D 20 5.28 -20.71 -34.79
N SER D 21 4.01 -20.57 -35.13
CA SER D 21 3.05 -19.84 -34.31
C SER D 21 2.43 -20.74 -33.27
N CYS D 22 1.92 -20.13 -32.20
CA CYS D 22 1.25 -20.86 -31.12
C CYS D 22 0.06 -20.03 -30.67
N SER D 23 -1.10 -20.26 -31.29
CA SER D 23 -2.30 -19.48 -31.00
C SER D 23 -2.93 -20.00 -29.72
N ALA D 24 -3.10 -19.10 -28.75
CA ALA D 24 -3.64 -19.45 -27.44
C ALA D 24 -5.04 -18.86 -27.28
N SER D 25 -5.89 -19.59 -26.57
CA SER D 25 -7.25 -19.15 -26.31
C SER D 25 -7.75 -19.79 -25.02
N GLY D 26 -8.68 -19.11 -24.37
CA GLY D 26 -9.29 -19.63 -23.17
C GLY D 26 -8.55 -19.33 -21.88
N PHE D 27 -7.41 -18.64 -21.95
CA PHE D 27 -6.69 -18.28 -20.74
C PHE D 27 -5.98 -16.95 -20.96
N ALA D 28 -5.54 -16.35 -19.85
CA ALA D 28 -4.84 -15.06 -19.87
C ALA D 28 -3.41 -15.29 -20.33
N PHE D 29 -3.21 -15.20 -21.65
CA PHE D 29 -1.91 -15.51 -22.24
C PHE D 29 -0.81 -14.57 -21.74
N SER D 30 -1.15 -13.31 -21.47
CA SER D 30 -0.14 -12.31 -21.16
C SER D 30 0.59 -12.61 -19.84
N SER D 31 -0.08 -13.24 -18.89
CA SER D 31 0.48 -13.47 -17.57
C SER D 31 1.19 -14.81 -17.43
N PHE D 32 1.26 -15.59 -18.50
CA PHE D 32 1.87 -16.92 -18.48
C PHE D 32 3.24 -16.88 -19.14
N GLY D 33 4.19 -17.60 -18.56
CA GLY D 33 5.41 -17.92 -19.28
C GLY D 33 5.15 -19.00 -20.32
N MET D 34 5.88 -18.90 -21.43
CA MET D 34 5.67 -19.78 -22.56
C MET D 34 6.95 -20.55 -22.88
N HIS D 35 6.81 -21.85 -23.11
CA HIS D 35 7.92 -22.71 -23.45
C HIS D 35 7.71 -23.34 -24.81
N TRP D 36 8.82 -23.68 -25.47
CA TRP D 36 8.80 -24.55 -26.64
C TRP D 36 9.55 -25.82 -26.25
N VAL D 37 8.86 -26.96 -26.33
CA VAL D 37 9.44 -28.25 -25.98
C VAL D 37 9.33 -29.14 -27.19
N ARG D 38 10.47 -29.59 -27.72
CA ARG D 38 10.50 -30.41 -28.91
C ARG D 38 10.75 -31.86 -28.55
N GLN D 39 10.30 -32.76 -29.42
CA GLN D 39 10.41 -34.20 -29.19
C GLN D 39 10.76 -34.87 -30.51
N ALA D 40 11.96 -35.44 -30.58
CA ALA D 40 12.37 -36.15 -31.77
C ALA D 40 11.49 -37.39 -31.97
N PRO D 41 11.30 -37.83 -33.22
CA PRO D 41 10.38 -38.95 -33.46
C PRO D 41 10.75 -40.23 -32.72
N GLU D 42 12.03 -40.45 -32.44
CA GLU D 42 12.46 -41.65 -31.73
C GLU D 42 12.99 -41.38 -30.33
N LYS D 43 13.20 -40.12 -29.97
CA LYS D 43 13.75 -39.75 -28.67
C LYS D 43 12.67 -39.15 -27.78
N GLY D 44 13.08 -38.68 -26.62
CA GLY D 44 12.18 -38.06 -25.67
C GLY D 44 12.12 -36.55 -25.82
N LEU D 45 11.58 -35.90 -24.79
CA LEU D 45 11.40 -34.46 -24.83
C LEU D 45 12.74 -33.75 -24.69
N GLU D 46 12.78 -32.50 -25.18
CA GLU D 46 13.98 -31.69 -25.11
C GLU D 46 13.54 -30.22 -25.09
N TRP D 47 13.78 -29.56 -23.96
CA TRP D 47 13.40 -28.16 -23.81
C TRP D 47 14.16 -27.29 -24.81
N VAL D 48 13.45 -26.38 -25.47
CA VAL D 48 14.01 -25.57 -26.55
C VAL D 48 14.19 -24.11 -26.12
N ALA D 49 13.11 -23.44 -25.76
CA ALA D 49 13.19 -22.02 -25.44
C ALA D 49 12.08 -21.66 -24.46
N TYR D 50 12.26 -20.53 -23.78
CA TYR D 50 11.29 -20.05 -22.81
C TYR D 50 11.30 -18.53 -22.82
N ILE D 51 10.12 -17.93 -22.91
CA ILE D 51 9.95 -16.49 -22.85
C ILE D 51 8.98 -16.18 -21.72
N SER D 52 9.39 -15.29 -20.82
CA SER D 52 8.63 -15.04 -19.60
C SER D 52 7.43 -14.14 -19.90
N SER D 53 6.63 -13.89 -18.87
CA SER D 53 5.51 -12.98 -19.00
C SER D 53 6.02 -11.55 -19.16
N GLY D 54 5.54 -10.85 -20.19
CA GLY D 54 6.06 -9.55 -20.50
C GLY D 54 7.36 -9.55 -21.26
N SER D 55 7.80 -10.72 -21.76
CA SER D 55 9.01 -10.85 -22.56
C SER D 55 10.25 -10.36 -21.82
N GLY D 56 10.26 -10.54 -20.50
CA GLY D 56 11.38 -10.08 -19.70
C GLY D 56 12.64 -10.91 -19.89
N THR D 57 12.57 -12.21 -19.60
CA THR D 57 13.71 -13.11 -19.70
C THR D 57 13.42 -14.18 -20.74
N ILE D 58 14.39 -14.41 -21.62
CA ILE D 58 14.31 -15.44 -22.64
C ILE D 58 15.53 -16.35 -22.51
N TYR D 59 15.29 -17.65 -22.47
CA TYR D 59 16.35 -18.65 -22.34
C TYR D 59 16.27 -19.63 -23.50
N TYR D 60 17.42 -20.01 -24.03
CA TYR D 60 17.52 -20.98 -25.11
C TYR D 60 18.38 -22.16 -24.68
N ALA D 61 18.13 -23.30 -25.31
CA ALA D 61 18.94 -24.48 -25.07
C ALA D 61 20.36 -24.26 -25.60
N ASP D 62 21.26 -25.18 -25.22
CA ASP D 62 22.63 -25.09 -25.70
C ASP D 62 22.69 -25.24 -27.22
N THR D 63 21.92 -26.16 -27.78
CA THR D 63 21.89 -26.41 -29.21
C THR D 63 20.82 -25.59 -29.92
N VAL D 64 20.33 -24.53 -29.29
CA VAL D 64 19.26 -23.70 -29.86
C VAL D 64 19.70 -22.25 -29.87
N LYS D 65 20.59 -21.89 -28.93
CA LYS D 65 20.99 -20.50 -28.77
C LYS D 65 21.60 -19.95 -30.05
N GLY D 66 21.18 -18.76 -30.42
CA GLY D 66 21.64 -18.13 -31.66
C GLY D 66 20.80 -18.45 -32.88
N ARG D 67 20.48 -19.73 -33.07
CA ARG D 67 19.70 -20.12 -34.23
C ARG D 67 18.24 -19.73 -34.09
N PHE D 68 17.63 -20.03 -32.94
CA PHE D 68 16.21 -19.82 -32.74
C PHE D 68 15.96 -18.47 -32.06
N THR D 69 14.69 -18.10 -32.00
CA THR D 69 14.28 -16.87 -31.30
C THR D 69 12.82 -17.01 -30.92
N ILE D 70 12.53 -16.89 -29.63
CA ILE D 70 11.16 -16.99 -29.11
C ILE D 70 10.64 -15.59 -28.86
N SER D 71 9.44 -15.32 -29.37
CA SER D 71 8.77 -14.04 -29.17
C SER D 71 7.28 -14.28 -29.00
N ARG D 72 6.63 -13.35 -28.31
CA ARG D 72 5.19 -13.46 -28.08
C ARG D 72 4.48 -12.19 -28.51
N LYS D 76 -2.33 -10.39 -29.48
CA LYS D 76 -2.91 -11.36 -30.40
C LYS D 76 -2.91 -12.77 -29.82
N ASN D 77 -2.40 -12.91 -28.59
CA ASN D 77 -2.42 -14.18 -27.87
C ASN D 77 -1.74 -15.30 -28.66
N THR D 78 -0.54 -15.01 -29.16
CA THR D 78 0.23 -16.00 -29.91
C THR D 78 1.69 -15.90 -29.54
N LEU D 79 2.39 -17.04 -29.60
CA LEU D 79 3.81 -17.13 -29.34
C LEU D 79 4.52 -17.64 -30.60
N PHE D 80 5.77 -17.22 -30.77
CA PHE D 80 6.51 -17.51 -31.98
C PHE D 80 7.84 -18.19 -31.64
N LEU D 81 8.34 -18.97 -32.60
CA LEU D 81 9.68 -19.55 -32.54
C LEU D 81 10.30 -19.36 -33.92
N GLN D 82 11.16 -18.36 -34.05
CA GLN D 82 11.78 -18.04 -35.33
C GLN D 82 13.08 -18.82 -35.43
N MET D 83 13.06 -19.90 -36.19
CA MET D 83 14.23 -20.76 -36.35
C MET D 83 15.09 -20.28 -37.51
N THR D 84 16.38 -20.61 -37.43
CA THR D 84 17.33 -20.27 -38.48
C THR D 84 18.40 -21.34 -38.54
N SER D 85 18.87 -21.63 -39.75
CA SER D 85 19.91 -22.64 -39.99
C SER D 85 19.51 -23.99 -39.40
N LEU D 86 18.39 -24.52 -39.90
CA LEU D 86 17.85 -25.76 -39.39
C LEU D 86 18.75 -26.93 -39.79
N ARG D 87 19.33 -27.60 -38.80
CA ARG D 87 20.18 -28.76 -39.05
C ARG D 87 19.30 -29.99 -39.26
N SER D 88 19.95 -31.14 -39.43
CA SER D 88 19.22 -32.40 -39.55
C SER D 88 18.70 -32.89 -38.21
N GLU D 89 19.28 -32.43 -37.10
CA GLU D 89 18.85 -32.83 -35.77
C GLU D 89 17.71 -32.00 -35.22
N ASP D 90 17.25 -31.00 -35.96
CA ASP D 90 16.16 -30.15 -35.52
C ASP D 90 14.79 -30.71 -35.86
N THR D 91 14.72 -31.85 -36.55
CA THR D 91 13.43 -32.47 -36.84
C THR D 91 12.83 -33.05 -35.56
N ALA D 92 11.59 -32.67 -35.28
CA ALA D 92 10.94 -33.05 -34.03
C ALA D 92 9.49 -32.62 -34.12
N MET D 93 8.73 -32.94 -33.08
CA MET D 93 7.45 -32.31 -32.81
C MET D 93 7.66 -31.22 -31.77
N TYR D 94 7.16 -30.03 -32.05
CA TYR D 94 7.36 -28.89 -31.17
C TYR D 94 6.08 -28.60 -30.42
N TYR D 95 6.15 -28.64 -29.09
CA TYR D 95 5.01 -28.39 -28.23
C TYR D 95 5.09 -26.99 -27.64
N CYS D 96 3.92 -26.44 -27.34
CA CYS D 96 3.80 -25.12 -26.73
C CYS D 96 3.25 -25.32 -25.32
N VAL D 97 3.96 -24.80 -24.32
CA VAL D 97 3.65 -25.05 -22.92
C VAL D 97 3.48 -23.72 -22.20
N ARG D 98 2.45 -23.63 -21.36
CA ARG D 98 2.22 -22.46 -20.53
C ARG D 98 2.67 -22.78 -19.11
N SER D 99 3.48 -21.88 -18.53
CA SER D 99 4.18 -22.15 -17.27
C SER D 99 4.15 -20.95 -16.34
N ILE D 100 2.96 -20.43 -16.03
CA ILE D 100 2.86 -19.31 -15.09
C ILE D 100 3.61 -19.63 -13.80
N TYR D 101 4.29 -18.62 -13.25
CA TYR D 101 5.14 -18.78 -12.08
C TYR D 101 4.72 -17.80 -10.99
N TYR D 102 4.23 -18.34 -9.88
CA TYR D 102 4.13 -17.59 -8.63
C TYR D 102 4.22 -18.62 -7.50
N TYR D 103 4.05 -18.18 -6.27
CA TYR D 103 4.15 -19.09 -5.15
C TYR D 103 2.93 -20.01 -5.14
N GLY D 104 3.17 -21.32 -5.24
CA GLY D 104 2.10 -22.28 -5.31
C GLY D 104 1.55 -22.54 -6.70
N SER D 105 2.12 -21.91 -7.72
CA SER D 105 1.65 -22.13 -9.08
C SER D 105 2.07 -23.52 -9.57
N SER D 106 1.46 -23.93 -10.68
CA SER D 106 1.71 -25.23 -11.30
C SER D 106 2.24 -25.00 -12.70
N PRO D 107 3.55 -24.84 -12.87
CA PRO D 107 4.11 -24.65 -14.21
C PRO D 107 3.96 -25.91 -15.05
N PHE D 108 3.98 -25.70 -16.37
CA PHE D 108 3.91 -26.78 -17.36
C PHE D 108 2.59 -27.54 -17.29
N ASP D 109 1.53 -26.89 -16.83
CA ASP D 109 0.28 -27.60 -16.59
C ASP D 109 -0.56 -27.80 -17.85
N PHE D 110 -0.29 -27.07 -18.93
CA PHE D 110 -1.00 -27.29 -20.18
C PHE D 110 -0.02 -27.30 -21.33
N TRP D 111 -0.15 -28.28 -22.21
CA TRP D 111 0.71 -28.45 -23.37
C TRP D 111 -0.11 -28.34 -24.65
N GLY D 112 0.52 -27.81 -25.69
CA GLY D 112 -0.14 -27.70 -26.97
C GLY D 112 -0.23 -29.03 -27.70
N GLN D 113 -0.94 -29.01 -28.83
CA GLN D 113 -1.13 -30.23 -29.60
C GLN D 113 0.18 -30.69 -30.25
N GLY D 114 0.98 -29.77 -30.73
CA GLY D 114 2.24 -30.09 -31.35
C GLY D 114 2.19 -29.98 -32.87
N THR D 115 3.36 -29.77 -33.46
CA THR D 115 3.52 -29.70 -34.90
C THR D 115 4.76 -30.49 -35.31
N THR D 116 4.58 -31.42 -36.23
CA THR D 116 5.70 -32.23 -36.70
C THR D 116 6.48 -31.45 -37.74
N LEU D 117 7.70 -31.05 -37.40
CA LEU D 117 8.59 -30.36 -38.34
C LEU D 117 9.63 -31.36 -38.81
N THR D 118 9.43 -31.90 -40.01
CA THR D 118 10.37 -32.85 -40.60
C THR D 118 11.37 -32.07 -41.45
N VAL D 119 12.63 -32.07 -41.03
CA VAL D 119 13.70 -31.40 -41.75
C VAL D 119 14.49 -32.44 -42.54
N SER D 120 14.64 -32.23 -43.84
CA SER D 120 15.38 -33.17 -44.68
C SER D 120 16.89 -32.98 -44.51
N GLY D 135 27.27 -28.78 -20.92
CA GLY D 135 28.38 -29.32 -20.16
C GLY D 135 28.13 -29.41 -18.68
N SER D 136 27.70 -28.29 -18.09
CA SER D 136 27.41 -28.22 -16.66
C SER D 136 25.92 -28.37 -16.37
N ASP D 137 25.13 -28.80 -17.34
CA ASP D 137 23.70 -28.95 -17.14
C ASP D 137 23.41 -30.13 -16.21
N ILE D 138 22.24 -30.06 -15.57
CA ILE D 138 21.81 -31.15 -14.69
C ILE D 138 21.39 -32.33 -15.54
N VAL D 139 22.09 -33.45 -15.39
CA VAL D 139 21.78 -34.66 -16.14
C VAL D 139 20.83 -35.52 -15.32
N MET D 140 19.69 -35.87 -15.91
CA MET D 140 18.67 -36.63 -15.22
C MET D 140 18.47 -37.93 -16.00
N THR D 141 18.75 -39.07 -15.37
CA THR D 141 18.75 -40.36 -16.03
C THR D 141 17.64 -41.23 -15.44
N GLN D 142 16.76 -41.73 -16.30
CA GLN D 142 15.77 -42.75 -15.94
C GLN D 142 16.36 -44.08 -16.36
N ALA D 143 16.87 -44.84 -15.38
CA ALA D 143 17.63 -46.04 -15.69
C ALA D 143 16.78 -47.07 -16.43
N THR D 144 15.54 -47.26 -15.99
CA THR D 144 14.63 -48.19 -16.64
C THR D 144 13.90 -47.49 -17.78
N SER D 145 13.98 -48.07 -18.98
CA SER D 145 13.35 -47.48 -20.15
C SER D 145 12.02 -48.11 -20.51
N SER D 146 11.76 -49.33 -20.07
CA SER D 146 10.49 -49.99 -20.35
C SER D 146 10.14 -50.92 -19.19
N VAL D 147 8.88 -50.93 -18.81
CA VAL D 147 8.40 -51.78 -17.71
C VAL D 147 7.19 -52.58 -18.17
N PRO D 148 7.17 -53.89 -17.96
CA PRO D 148 5.94 -54.67 -18.20
C PRO D 148 5.05 -54.64 -16.98
N VAL D 149 3.76 -54.34 -17.19
CA VAL D 149 2.83 -54.12 -16.10
C VAL D 149 1.41 -54.44 -16.56
N THR D 150 0.59 -54.93 -15.62
CA THR D 150 -0.79 -55.31 -15.83
C THR D 150 -1.73 -54.37 -15.08
N PRO D 151 -2.95 -54.18 -15.57
CA PRO D 151 -3.90 -53.29 -14.87
C PRO D 151 -4.19 -53.76 -13.46
N GLY D 152 -4.38 -52.80 -12.56
CA GLY D 152 -4.66 -53.08 -11.17
C GLY D 152 -3.46 -53.25 -10.28
N GLU D 153 -2.25 -53.28 -10.85
CA GLU D 153 -1.03 -53.42 -10.08
C GLU D 153 -0.39 -52.05 -9.84
N SER D 154 0.63 -52.04 -8.98
CA SER D 154 1.35 -50.82 -8.64
C SER D 154 2.65 -50.80 -9.43
N VAL D 155 2.86 -49.72 -10.19
CA VAL D 155 4.07 -49.53 -10.98
C VAL D 155 4.77 -48.28 -10.47
N SER D 156 6.04 -48.41 -10.14
CA SER D 156 6.84 -47.30 -9.62
C SER D 156 7.93 -46.97 -10.62
N ILE D 157 7.97 -45.72 -11.06
CA ILE D 157 9.00 -45.23 -11.98
C ILE D 157 10.04 -44.48 -11.16
N SER D 158 11.28 -44.51 -11.64
CA SER D 158 12.38 -43.90 -10.91
C SER D 158 13.11 -42.93 -11.81
N CYS D 159 13.79 -41.98 -11.16
CA CYS D 159 14.61 -41.04 -11.91
C CYS D 159 15.68 -40.52 -10.96
N ARG D 160 16.82 -40.13 -11.52
CA ARG D 160 17.91 -39.57 -10.73
C ARG D 160 18.36 -38.26 -11.35
N SER D 161 19.09 -37.47 -10.57
CA SER D 161 19.66 -36.21 -11.03
C SER D 161 21.11 -36.12 -10.62
N SER D 162 21.94 -35.57 -11.52
CA SER D 162 23.36 -35.41 -11.20
C SER D 162 23.56 -34.44 -10.05
N LYS D 163 22.78 -33.36 -10.03
CA LYS D 163 22.83 -32.36 -8.97
C LYS D 163 21.56 -32.46 -8.13
N SER D 164 21.69 -32.18 -6.84
CA SER D 164 20.53 -32.16 -5.97
C SER D 164 19.56 -31.07 -6.43
N LEU D 165 18.29 -31.44 -6.54
CA LEU D 165 17.25 -30.51 -6.98
C LEU D 165 16.59 -29.79 -5.82
N LEU D 166 16.98 -30.08 -4.59
CA LEU D 166 16.42 -29.37 -3.45
C LEU D 166 17.10 -28.01 -3.31
N HIS D 167 16.31 -26.98 -3.09
CA HIS D 167 16.82 -25.63 -2.91
C HIS D 167 16.80 -25.26 -1.43
N SER D 168 17.46 -24.16 -1.11
CA SER D 168 17.50 -23.69 0.27
C SER D 168 16.11 -23.34 0.80
N ASN D 169 15.20 -22.95 -0.09
CA ASN D 169 13.84 -22.64 0.34
C ASN D 169 13.04 -23.88 0.68
N GLY D 170 13.56 -25.08 0.39
CA GLY D 170 12.90 -26.33 0.73
C GLY D 170 12.19 -27.01 -0.42
N ASN D 171 12.06 -26.34 -1.56
CA ASN D 171 11.37 -26.92 -2.71
C ASN D 171 12.35 -27.73 -3.54
N THR D 172 11.95 -28.95 -3.89
CA THR D 172 12.69 -29.76 -4.86
C THR D 172 11.93 -29.72 -6.18
N TYR D 173 12.63 -29.29 -7.23
CA TYR D 173 11.99 -28.97 -8.51
C TYR D 173 12.14 -30.15 -9.46
N LEU D 174 11.35 -31.18 -9.23
CA LEU D 174 11.24 -32.32 -10.15
C LEU D 174 9.81 -32.40 -10.64
N TYR D 175 9.66 -32.51 -11.96
CA TYR D 175 8.34 -32.54 -12.58
C TYR D 175 8.16 -33.87 -13.29
N TRP D 176 6.95 -34.43 -13.19
CA TRP D 176 6.61 -35.70 -13.82
C TRP D 176 5.53 -35.45 -14.87
N PHE D 177 5.80 -35.87 -16.09
CA PHE D 177 4.87 -35.72 -17.21
C PHE D 177 4.50 -37.09 -17.74
N LEU D 178 3.31 -37.18 -18.30
CA LEU D 178 2.81 -38.42 -18.90
C LEU D 178 2.40 -38.13 -20.34
N GLN D 179 3.11 -38.71 -21.29
CA GLN D 179 2.79 -38.58 -22.71
C GLN D 179 2.14 -39.88 -23.16
N ARG D 180 0.81 -39.89 -23.19
CA ARG D 180 0.10 -41.05 -23.66
C ARG D 180 0.35 -41.25 -25.16
N PRO D 181 0.27 -42.49 -25.65
CA PRO D 181 0.57 -42.74 -27.06
C PRO D 181 -0.35 -41.95 -27.98
N GLY D 182 0.27 -41.13 -28.83
CA GLY D 182 -0.46 -40.30 -29.77
C GLY D 182 -0.97 -38.99 -29.22
N GLN D 183 -0.72 -38.68 -27.95
CA GLN D 183 -1.19 -37.47 -27.31
C GLN D 183 0.00 -36.61 -26.87
N SER D 184 -0.33 -35.42 -26.38
CA SER D 184 0.60 -34.44 -25.84
C SER D 184 0.86 -34.71 -24.37
N PRO D 185 2.04 -34.39 -23.86
CA PRO D 185 2.34 -34.64 -22.44
C PRO D 185 1.39 -33.90 -21.53
N GLN D 186 1.06 -34.53 -20.41
CA GLN D 186 0.22 -33.95 -19.38
C GLN D 186 1.00 -33.91 -18.07
N LEU D 187 0.95 -32.77 -17.38
CA LEU D 187 1.65 -32.66 -16.11
C LEU D 187 0.98 -33.53 -15.06
N LEU D 188 1.75 -34.42 -14.44
CA LEU D 188 1.24 -35.29 -13.39
C LEU D 188 1.63 -34.79 -12.00
N ILE D 189 2.92 -34.62 -11.76
CA ILE D 189 3.45 -34.18 -10.47
C ILE D 189 4.37 -32.99 -10.72
N TYR D 190 4.14 -31.89 -10.00
CA TYR D 190 5.01 -30.73 -10.08
C TYR D 190 5.71 -30.51 -8.75
N ARG D 191 7.01 -30.19 -8.84
CA ARG D 191 7.89 -30.05 -7.68
C ARG D 191 7.94 -31.32 -6.84
N MET D 192 7.88 -32.47 -7.52
CA MET D 192 8.26 -33.78 -6.99
C MET D 192 7.29 -34.35 -5.97
N SER D 193 6.33 -33.55 -5.50
CA SER D 193 5.35 -34.10 -4.56
C SER D 193 3.93 -33.62 -4.78
N ASN D 194 3.70 -32.57 -5.58
CA ASN D 194 2.39 -31.96 -5.70
C ASN D 194 1.66 -32.54 -6.90
N LEU D 195 0.46 -33.07 -6.65
CA LEU D 195 -0.36 -33.65 -7.71
C LEU D 195 -1.03 -32.54 -8.51
N ALA D 196 -0.88 -32.59 -9.83
CA ALA D 196 -1.38 -31.53 -10.68
C ALA D 196 -2.92 -31.54 -10.71
N SER D 197 -3.48 -30.50 -11.31
CA SER D 197 -4.92 -30.35 -11.36
C SER D 197 -5.52 -31.32 -12.37
N GLY D 198 -6.50 -32.10 -11.93
CA GLY D 198 -7.16 -33.07 -12.76
C GLY D 198 -6.54 -34.45 -12.76
N VAL D 199 -5.30 -34.58 -12.29
CA VAL D 199 -4.65 -35.89 -12.22
C VAL D 199 -5.28 -36.71 -11.09
N PRO D 200 -5.62 -37.98 -11.33
CA PRO D 200 -6.22 -38.78 -10.26
C PRO D 200 -5.27 -38.95 -9.09
N ASP D 201 -5.84 -39.14 -7.90
CA ASP D 201 -5.05 -39.25 -6.68
C ASP D 201 -4.16 -40.48 -6.67
N ARG D 202 -4.36 -41.41 -7.60
CA ARG D 202 -3.58 -42.64 -7.68
C ARG D 202 -2.11 -42.39 -7.96
N PHE D 203 -1.77 -41.23 -8.52
CA PHE D 203 -0.38 -40.88 -8.81
C PHE D 203 0.23 -40.22 -7.59
N SER D 204 1.44 -40.64 -7.23
CA SER D 204 2.14 -40.08 -6.09
C SER D 204 3.60 -39.89 -6.46
N GLY D 205 4.19 -38.83 -5.92
CA GLY D 205 5.58 -38.51 -6.20
C GLY D 205 6.36 -38.38 -4.90
N SER D 206 7.59 -38.87 -4.94
CA SER D 206 8.46 -38.83 -3.77
C SER D 206 9.91 -38.87 -4.24
N GLY D 207 10.80 -38.49 -3.33
CA GLY D 207 12.21 -38.48 -3.65
C GLY D 207 13.00 -37.85 -2.52
N SER D 208 14.32 -37.81 -2.73
CA SER D 208 15.22 -37.23 -1.73
C SER D 208 16.43 -36.64 -2.46
N GLY D 209 16.35 -35.34 -2.75
CA GLY D 209 17.52 -34.61 -3.23
C GLY D 209 17.90 -34.93 -4.66
N THR D 210 18.37 -36.15 -4.90
CA THR D 210 18.83 -36.56 -6.22
C THR D 210 18.07 -37.74 -6.82
N ALA D 211 17.57 -38.66 -5.99
CA ALA D 211 16.84 -39.83 -6.46
C ALA D 211 15.36 -39.64 -6.20
N PHE D 212 14.54 -39.79 -7.23
CA PHE D 212 13.11 -39.54 -7.16
C PHE D 212 12.34 -40.75 -7.67
N THR D 213 11.12 -40.90 -7.17
CA THR D 213 10.28 -42.04 -7.51
C THR D 213 8.84 -41.59 -7.68
N LEU D 214 8.25 -41.90 -8.82
CA LEU D 214 6.83 -41.66 -9.08
C LEU D 214 6.08 -42.97 -8.92
N THR D 215 5.16 -43.01 -7.95
CA THR D 215 4.44 -44.22 -7.61
C THR D 215 3.02 -44.15 -8.16
N ILE D 216 2.62 -45.18 -8.90
CA ILE D 216 1.26 -45.31 -9.42
C ILE D 216 0.62 -46.52 -8.76
N SER D 217 -0.54 -46.31 -8.15
CA SER D 217 -1.30 -47.38 -7.51
C SER D 217 -2.59 -47.60 -8.27
N ARG D 218 -3.03 -48.86 -8.29
CA ARG D 218 -4.26 -49.26 -9.00
C ARG D 218 -4.22 -48.78 -10.45
N LEU D 219 -3.24 -49.29 -11.19
CA LEU D 219 -3.00 -48.84 -12.55
C LEU D 219 -4.20 -49.16 -13.43
N GLU D 220 -4.55 -48.19 -14.28
CA GLU D 220 -5.65 -48.32 -15.22
C GLU D 220 -5.10 -48.33 -16.65
N ALA D 221 -6.00 -48.55 -17.61
CA ALA D 221 -5.61 -48.56 -19.01
C ALA D 221 -5.31 -47.16 -19.55
N GLU D 222 -5.81 -46.11 -18.88
CA GLU D 222 -5.55 -44.75 -19.30
C GLU D 222 -4.20 -44.23 -18.83
N ASP D 223 -3.52 -44.94 -17.94
CA ASP D 223 -2.23 -44.53 -17.41
C ASP D 223 -1.07 -45.15 -18.17
N VAL D 224 -1.32 -45.80 -19.30
CA VAL D 224 -0.26 -46.40 -20.10
C VAL D 224 0.35 -45.32 -20.98
N GLY D 225 1.68 -45.23 -20.95
CA GLY D 225 2.37 -44.24 -21.75
C GLY D 225 3.83 -44.20 -21.37
N VAL D 226 4.47 -43.08 -21.67
CA VAL D 226 5.86 -42.85 -21.33
C VAL D 226 5.93 -41.66 -20.37
N TYR D 227 6.75 -41.80 -19.33
CA TYR D 227 6.83 -40.84 -18.24
C TYR D 227 8.18 -40.14 -18.26
N TYR D 228 8.17 -38.82 -18.16
CA TYR D 228 9.39 -38.03 -18.15
C TYR D 228 9.57 -37.34 -16.81
N CYS D 229 10.82 -37.26 -16.36
CA CYS D 229 11.21 -36.44 -15.21
C CYS D 229 11.93 -35.20 -15.72
N MET D 230 11.48 -34.03 -15.28
CA MET D 230 12.11 -32.79 -15.70
C MET D 230 12.45 -31.97 -14.46
N GLN D 231 13.65 -31.40 -14.47
CA GLN D 231 14.06 -30.50 -13.41
C GLN D 231 13.77 -29.07 -13.82
N HIS D 232 13.31 -28.26 -12.88
CA HIS D 232 13.16 -26.83 -13.09
C HIS D 232 14.04 -26.04 -12.14
N LEU D 233 15.13 -26.65 -11.68
CA LEU D 233 16.04 -25.95 -10.77
C LEU D 233 16.77 -24.82 -11.48
N GLU D 234 17.28 -25.09 -12.68
CA GLU D 234 18.04 -24.08 -13.41
C GLU D 234 17.83 -24.30 -14.91
N TYR D 235 18.05 -23.24 -15.66
CA TYR D 235 17.97 -23.45 -17.09
C TYR D 235 19.33 -23.82 -17.65
N PRO D 236 19.40 -24.69 -18.67
CA PRO D 236 18.28 -25.30 -19.40
C PRO D 236 17.57 -26.41 -18.62
N LEU D 237 16.25 -26.48 -18.74
CA LEU D 237 15.50 -27.56 -18.11
C LEU D 237 15.78 -28.86 -18.83
N THR D 238 16.07 -29.91 -18.08
CA THR D 238 16.51 -31.18 -18.62
C THR D 238 15.43 -32.23 -18.40
N PHE D 239 15.12 -32.98 -19.45
CA PHE D 239 14.17 -34.07 -19.38
C PHE D 239 14.89 -35.41 -19.31
N GLY D 240 14.25 -36.37 -18.66
CA GLY D 240 14.78 -37.72 -18.63
C GLY D 240 14.55 -38.44 -19.93
N ALA D 241 15.13 -39.63 -20.02
CA ALA D 241 14.97 -40.44 -21.23
C ALA D 241 13.52 -40.82 -21.45
N GLY D 242 12.81 -41.15 -20.37
CA GLY D 242 11.40 -41.48 -20.48
C GLY D 242 11.12 -42.95 -20.26
N THR D 243 10.63 -43.31 -19.07
CA THR D 243 10.31 -44.69 -18.76
C THR D 243 8.96 -45.04 -19.40
N LYS D 244 8.98 -45.94 -20.37
CA LYS D 244 7.78 -46.32 -21.10
C LYS D 244 7.10 -47.48 -20.38
N LEU D 245 5.84 -47.27 -19.99
CA LEU D 245 5.02 -48.31 -19.40
C LEU D 245 4.04 -48.82 -20.45
N GLU D 246 4.08 -50.13 -20.71
CA GLU D 246 3.22 -50.74 -21.70
C GLU D 246 2.29 -51.75 -21.03
N LEU D 247 1.11 -51.90 -21.61
CA LEU D 247 0.11 -52.80 -21.04
C LEU D 247 0.53 -54.26 -21.24
N LYS D 248 0.26 -55.08 -20.24
CA LYS D 248 0.58 -56.51 -20.26
C LYS D 248 2.06 -56.76 -20.55
N PRO E 73 46.07 29.86 12.24
CA PRO E 73 47.03 29.88 11.13
C PRO E 73 46.86 31.10 10.23
N TRP E 74 47.76 32.09 10.40
CA TRP E 74 47.72 33.33 9.62
C TRP E 74 46.36 34.01 9.76
N ASN E 75 46.08 34.43 10.99
CA ASN E 75 44.77 34.97 11.35
C ASN E 75 44.63 36.43 10.89
N GLU E 76 44.65 36.61 9.58
CA GLU E 76 44.22 37.88 9.01
C GLU E 76 42.69 37.96 9.07
N PRO E 77 42.13 39.15 9.27
CA PRO E 77 40.68 39.25 9.49
C PRO E 77 39.88 38.74 8.29
N PRO E 78 40.26 39.07 7.04
CA PRO E 78 39.56 38.44 5.90
C PRO E 78 39.50 36.92 5.96
N VAL E 79 40.56 36.25 6.38
CA VAL E 79 40.56 34.79 6.33
C VAL E 79 40.03 34.17 7.63
N ILE E 80 40.26 34.80 8.78
CA ILE E 80 39.71 34.26 10.02
C ILE E 80 38.20 34.38 10.04
N LEU E 81 37.66 35.47 9.49
CA LEU E 81 36.20 35.59 9.42
C LEU E 81 35.61 34.49 8.55
N SER E 82 36.25 34.22 7.40
CA SER E 82 35.79 33.15 6.53
C SER E 82 35.92 31.79 7.20
N MET E 83 37.01 31.57 7.94
CA MET E 83 37.18 30.29 8.63
C MET E 83 36.11 30.09 9.68
N VAL E 84 35.79 31.14 10.45
CA VAL E 84 34.73 31.03 11.46
C VAL E 84 33.40 30.73 10.79
N ILE E 85 33.08 31.47 9.72
CA ILE E 85 31.81 31.27 9.02
C ILE E 85 31.74 29.87 8.44
N LEU E 86 32.84 29.37 7.89
CA LEU E 86 32.84 28.07 7.23
C LEU E 86 32.71 26.94 8.24
N SER E 87 33.43 27.06 9.37
CA SER E 87 33.30 26.05 10.43
C SER E 87 31.89 26.04 11.00
N LEU E 88 31.30 27.22 11.19
CA LEU E 88 29.90 27.26 11.62
C LEU E 88 29.00 26.61 10.57
N THR E 89 29.26 26.87 9.30
CA THR E 89 28.45 26.25 8.25
C THR E 89 28.50 24.75 8.36
N PHE E 90 29.71 24.19 8.53
CA PHE E 90 29.83 22.74 8.70
C PHE E 90 29.07 22.28 9.94
N LEU E 91 29.25 22.98 11.05
CA LEU E 91 28.70 22.53 12.33
C LEU E 91 27.18 22.50 12.33
N LEU E 92 26.55 23.55 11.81
CA LEU E 92 25.09 23.59 11.75
C LEU E 92 24.53 23.13 10.41
N GLY E 93 25.35 22.58 9.53
CA GLY E 93 24.84 22.04 8.29
C GLY E 93 24.89 20.54 8.20
N LEU E 94 25.94 19.92 8.73
CA LEU E 94 26.01 18.45 8.66
C LEU E 94 24.84 17.79 9.39
N PRO E 95 24.54 18.12 10.65
CA PRO E 95 23.33 17.53 11.26
C PRO E 95 22.06 18.10 10.68
N GLY E 96 22.02 19.39 10.36
CA GLY E 96 20.82 20.00 9.83
C GLY E 96 20.37 19.39 8.52
N ASN E 97 21.33 19.19 7.60
CA ASN E 97 21.00 18.54 6.34
C ASN E 97 20.84 17.03 6.51
N GLY E 98 21.61 16.42 7.41
CA GLY E 98 21.52 14.97 7.60
C GLY E 98 20.17 14.53 8.12
N LEU E 99 19.66 15.23 9.14
CA LEU E 99 18.37 14.84 9.71
C LEU E 99 17.24 15.02 8.71
N VAL E 100 17.30 16.11 7.93
CA VAL E 100 16.26 16.33 6.92
C VAL E 100 16.32 15.27 5.84
N LEU E 101 17.53 14.92 5.38
CA LEU E 101 17.66 13.88 4.38
C LEU E 101 17.13 12.55 4.91
N TRP E 102 17.48 12.21 6.15
CA TRP E 102 17.02 10.96 6.73
C TRP E 102 15.49 10.94 6.83
N VAL E 103 14.90 12.02 7.34
CA VAL E 103 13.46 12.06 7.53
C VAL E 103 12.74 11.96 6.19
N ALA E 104 13.13 12.80 5.23
CA ALA E 104 12.45 12.84 3.94
C ALA E 104 12.74 11.62 3.09
N GLY E 105 13.81 10.87 3.37
CA GLY E 105 14.11 9.71 2.57
C GLY E 105 13.51 8.43 3.13
N LEU E 106 13.50 8.29 4.46
CA LEU E 106 13.01 7.07 5.09
C LEU E 106 11.78 7.31 5.95
N LYS E 107 11.81 8.31 6.83
CA LYS E 107 10.69 8.52 7.74
C LYS E 107 9.45 9.01 7.00
N MET E 108 9.64 9.89 6.03
CA MET E 108 8.53 10.45 5.25
C MET E 108 8.38 9.69 3.93
N GLN E 109 7.28 9.99 3.24
CA GLN E 109 6.95 9.33 1.99
C GLN E 109 7.73 9.96 0.83
N ARG E 110 7.35 9.64 -0.40
CA ARG E 110 8.04 10.15 -1.57
C ARG E 110 7.09 10.95 -2.47
N THR E 111 6.32 11.85 -1.87
CA THR E 111 5.39 12.67 -2.65
C THR E 111 6.17 13.65 -3.53
N VAL E 112 5.41 14.37 -4.37
CA VAL E 112 6.02 15.33 -5.28
C VAL E 112 6.64 16.49 -4.50
N ASN E 113 6.02 16.90 -3.39
CA ASN E 113 6.58 17.97 -2.58
C ASN E 113 7.92 17.59 -1.99
N THR E 114 8.08 16.31 -1.60
CA THR E 114 9.29 15.86 -0.93
C THR E 114 10.46 15.63 -1.90
N ILE E 115 10.19 15.48 -3.19
CA ILE E 115 11.28 15.18 -4.13
C ILE E 115 12.25 16.35 -4.23
N TRP E 116 11.71 17.56 -4.37
CA TRP E 116 12.56 18.75 -4.46
C TRP E 116 13.38 18.92 -3.18
N PHE E 117 12.75 18.74 -2.03
CA PHE E 117 13.46 18.88 -0.76
C PHE E 117 14.54 17.82 -0.63
N LEU E 118 14.25 16.58 -1.04
CA LEU E 118 15.23 15.52 -0.97
C LEU E 118 16.45 15.83 -1.82
N HIS E 119 16.23 16.27 -3.06
CA HIS E 119 17.37 16.56 -3.93
C HIS E 119 18.13 17.79 -3.46
N LEU E 120 17.42 18.81 -3.00
CA LEU E 120 18.09 20.02 -2.51
C LEU E 120 18.94 19.71 -1.28
N THR E 121 18.42 18.89 -0.36
CA THR E 121 19.20 18.54 0.81
C THR E 121 20.34 17.59 0.46
N LEU E 122 20.17 16.76 -0.58
CA LEU E 122 21.30 15.97 -1.05
C LEU E 122 22.43 16.88 -1.57
N ALA E 123 22.06 17.90 -2.34
CA ALA E 123 23.07 18.84 -2.83
C ALA E 123 23.74 19.59 -1.69
N ASP E 124 22.95 20.05 -0.71
CA ASP E 124 23.53 20.77 0.43
C ASP E 124 24.42 19.85 1.27
N LEU E 125 24.01 18.60 1.46
CA LEU E 125 24.83 17.65 2.20
C LEU E 125 26.13 17.36 1.46
N LEU E 126 26.06 17.22 0.14
CA LEU E 126 27.29 17.04 -0.64
C LEU E 126 28.21 18.25 -0.51
N CYS E 127 27.62 19.45 -0.46
CA CYS E 127 28.42 20.64 -0.21
C CYS E 127 29.08 20.59 1.17
N CYS E 128 28.33 20.13 2.18
CA CYS E 128 28.87 20.04 3.53
C CYS E 128 30.01 19.03 3.61
N LEU E 129 29.86 17.88 2.96
CA LEU E 129 30.92 16.88 2.97
C LEU E 129 32.17 17.39 2.29
N SER E 130 32.02 18.16 1.21
CA SER E 130 33.15 18.76 0.52
C SER E 130 33.61 20.06 1.16
N LEU E 131 33.04 20.43 2.30
CA LEU E 131 33.37 21.68 2.97
C LEU E 131 34.73 21.62 3.69
N PRO E 132 35.08 20.52 4.37
CA PRO E 132 36.43 20.46 4.96
C PRO E 132 37.55 20.58 3.95
N PHE E 133 37.31 20.27 2.68
CA PHE E 133 38.31 20.57 1.65
C PHE E 133 38.57 22.06 1.56
N SER E 134 37.51 22.87 1.57
CA SER E 134 37.68 24.33 1.56
C SER E 134 38.32 24.80 2.86
N LEU E 135 37.96 24.18 3.98
CA LEU E 135 38.58 24.53 5.25
C LEU E 135 40.10 24.29 5.21
N ALA E 136 40.51 23.14 4.66
CA ALA E 136 41.93 22.87 4.52
C ALA E 136 42.59 23.84 3.55
N HIS E 137 41.93 24.13 2.43
CA HIS E 137 42.52 25.05 1.46
C HIS E 137 42.73 26.43 2.07
N LEU E 138 41.79 26.88 2.91
CA LEU E 138 41.97 28.15 3.59
C LEU E 138 43.05 28.06 4.66
N ALA E 139 43.13 26.93 5.37
CA ALA E 139 44.10 26.78 6.45
C ALA E 139 45.53 26.81 5.93
N LEU E 140 45.80 26.13 4.81
CA LEU E 140 47.12 26.07 4.22
C LEU E 140 47.44 27.27 3.34
N GLN E 141 46.50 28.20 3.18
CA GLN E 141 46.71 29.41 2.36
C GLN E 141 47.15 29.04 0.95
N GLY E 142 46.52 28.02 0.39
CA GLY E 142 46.91 27.51 -0.92
C GLY E 142 47.82 26.30 -0.79
N GLN E 143 48.78 26.18 -1.70
CA GLN E 143 49.75 25.07 -1.68
C GLN E 143 49.04 23.72 -1.68
N TRP E 144 48.32 23.46 -2.77
CA TRP E 144 47.54 22.24 -2.94
C TRP E 144 48.43 21.01 -2.80
N PRO E 145 48.28 20.24 -1.71
CA PRO E 145 49.14 19.07 -1.51
C PRO E 145 48.79 17.89 -2.40
N TYR E 146 47.59 17.87 -2.99
CA TYR E 146 47.16 16.73 -3.78
C TYR E 146 47.67 16.85 -5.21
N GLY E 147 47.29 15.90 -6.05
CA GLY E 147 47.75 15.83 -7.42
C GLY E 147 46.94 16.68 -8.37
N ARG E 148 47.18 16.46 -9.66
CA ARG E 148 46.48 17.22 -10.70
C ARG E 148 45.00 16.82 -10.77
N PHE E 149 44.71 15.52 -10.71
CA PHE E 149 43.34 15.07 -10.82
C PHE E 149 42.50 15.53 -9.63
N LEU E 150 43.07 15.51 -8.43
CA LEU E 150 42.33 15.96 -7.26
C LEU E 150 41.98 17.45 -7.36
N CYS E 151 42.94 18.27 -7.80
CA CYS E 151 42.66 19.69 -7.97
C CYS E 151 41.82 19.99 -9.20
N LYS E 152 41.68 19.03 -10.11
CA LYS E 152 40.77 19.19 -11.23
C LYS E 152 39.36 18.70 -10.91
N LEU E 153 39.20 17.86 -9.90
CA LEU E 153 37.91 17.28 -9.55
C LEU E 153 37.24 17.94 -8.35
N ILE E 154 37.96 18.05 -7.22
CA ILE E 154 37.33 18.60 -6.01
C ILE E 154 36.81 20.01 -6.21
N PRO E 155 37.57 20.96 -6.81
CA PRO E 155 36.96 22.26 -7.12
C PRO E 155 36.22 22.20 -8.44
N SER E 156 35.52 21.11 -8.66
CA SER E 156 34.44 20.94 -9.61
C SER E 156 33.23 20.29 -8.96
N ILE E 157 33.44 19.33 -8.07
CA ILE E 157 32.34 18.78 -7.28
C ILE E 157 31.80 19.83 -6.33
N ILE E 158 32.67 20.68 -5.79
CA ILE E 158 32.21 21.75 -4.91
C ILE E 158 31.24 22.66 -5.67
N VAL E 159 31.64 23.09 -6.88
CA VAL E 159 30.79 23.95 -7.69
C VAL E 159 29.53 23.22 -8.12
N LEU E 160 29.65 21.91 -8.40
CA LEU E 160 28.49 21.12 -8.78
C LEU E 160 27.42 21.15 -7.70
N ASN E 161 27.82 20.85 -6.45
CA ASN E 161 26.86 20.90 -5.36
C ASN E 161 26.32 22.31 -5.17
N MET E 162 27.21 23.31 -5.21
CA MET E 162 26.80 24.68 -4.91
C MET E 162 25.76 25.18 -5.89
N PHE E 163 25.92 24.89 -7.18
CA PHE E 163 25.00 25.41 -8.18
C PHE E 163 23.83 24.48 -8.47
N ALA E 164 23.95 23.18 -8.20
CA ALA E 164 22.76 22.34 -8.18
C ALA E 164 21.82 22.78 -7.08
N SER E 165 22.36 23.27 -5.95
CA SER E 165 21.50 23.85 -4.92
C SER E 165 20.70 25.03 -5.47
N VAL E 166 21.36 25.91 -6.22
CA VAL E 166 20.68 27.09 -6.75
C VAL E 166 19.61 26.69 -7.77
N PHE E 167 19.94 25.76 -8.67
CA PHE E 167 18.97 25.31 -9.66
C PHE E 167 17.79 24.61 -9.00
N LEU E 168 18.03 23.88 -7.90
CA LEU E 168 16.91 23.25 -7.21
C LEU E 168 16.06 24.27 -6.46
N LEU E 169 16.66 25.34 -5.95
CA LEU E 169 15.87 26.44 -5.39
C LEU E 169 14.96 27.05 -6.46
N THR E 170 15.53 27.27 -7.65
CA THR E 170 14.73 27.82 -8.75
C THR E 170 13.60 26.87 -9.14
N ALA E 171 13.89 25.57 -9.17
CA ALA E 171 12.85 24.59 -9.48
C ALA E 171 11.75 24.57 -8.42
N ILE E 172 12.14 24.73 -7.15
CA ILE E 172 11.14 24.79 -6.09
C ILE E 172 10.22 25.99 -6.28
N SER E 173 10.81 27.16 -6.59
CA SER E 173 9.99 28.34 -6.81
C SER E 173 9.10 28.18 -8.05
N LEU E 174 9.64 27.56 -9.11
CA LEU E 174 8.86 27.32 -10.32
C LEU E 174 7.67 26.41 -10.04
N ASP E 175 7.89 25.33 -9.28
CA ASP E 175 6.80 24.43 -8.93
C ASP E 175 5.78 25.12 -8.05
N ARG E 176 6.24 25.99 -7.14
CA ARG E 176 5.31 26.72 -6.28
C ARG E 176 4.43 27.66 -7.09
N CYS E 177 5.00 28.30 -8.12
CA CYS E 177 4.18 29.14 -8.98
C CYS E 177 3.28 28.32 -9.91
N LEU E 178 3.74 27.13 -10.30
CA LEU E 178 2.98 26.30 -11.23
C LEU E 178 1.75 25.69 -10.57
N VAL E 179 1.86 25.32 -9.29
CA VAL E 179 0.72 24.72 -8.59
C VAL E 179 -0.28 25.79 -8.19
N VAL E 180 0.01 27.05 -8.51
CA VAL E 180 -0.89 28.14 -8.18
C VAL E 180 -1.48 28.82 -9.42
N PHE E 181 -0.75 28.87 -10.52
CA PHE E 181 -1.28 29.48 -11.74
C PHE E 181 -1.79 28.46 -12.74
N LYS E 182 -1.40 27.19 -12.61
CA LYS E 182 -1.92 26.11 -13.45
C LYS E 182 -2.29 24.94 -12.53
N PRO E 183 -3.39 25.06 -11.78
CA PRO E 183 -3.77 23.99 -10.86
C PRO E 183 -4.41 22.80 -11.53
N ILE E 184 -5.22 23.06 -12.57
CA ILE E 184 -5.85 21.96 -13.30
C ILE E 184 -4.78 21.13 -14.01
N TRP E 185 -3.80 21.80 -14.62
CA TRP E 185 -2.69 21.08 -15.23
C TRP E 185 -1.86 20.36 -14.18
N CYS E 186 -1.62 21.01 -13.03
CA CYS E 186 -0.79 20.43 -11.98
C CYS E 186 -1.49 19.32 -11.20
N GLN E 187 -2.66 18.88 -11.63
CA GLN E 187 -3.27 17.68 -11.07
C GLN E 187 -3.19 16.49 -12.00
N ASN E 188 -3.48 16.69 -13.29
CA ASN E 188 -3.33 15.61 -14.26
C ASN E 188 -1.85 15.34 -14.52
N HIS E 189 -1.13 16.33 -15.04
CA HIS E 189 0.26 16.14 -15.45
C HIS E 189 1.23 16.66 -14.40
N ARG E 190 1.13 16.13 -13.18
CA ARG E 190 2.11 16.44 -12.14
C ARG E 190 2.18 15.24 -11.20
N ASN E 191 3.22 14.43 -11.36
CA ASN E 191 3.42 13.22 -10.58
C ASN E 191 4.81 13.25 -9.95
N VAL E 192 5.12 12.20 -9.20
CA VAL E 192 6.47 12.07 -8.66
C VAL E 192 7.47 11.85 -9.79
N GLY E 193 7.07 11.13 -10.84
CA GLY E 193 7.97 10.89 -11.96
C GLY E 193 8.42 12.17 -12.63
N MET E 194 7.50 13.12 -12.81
CA MET E 194 7.86 14.39 -13.43
C MET E 194 8.85 15.16 -12.57
N ALA E 195 8.63 15.19 -11.26
CA ALA E 195 9.56 15.88 -10.36
C ALA E 195 10.93 15.22 -10.39
N CYS E 196 10.96 13.88 -10.40
CA CYS E 196 12.25 13.17 -10.45
C CYS E 196 12.98 13.45 -11.76
N SER E 197 12.24 13.48 -12.88
CA SER E 197 12.86 13.79 -14.17
C SER E 197 13.42 15.20 -14.18
N ILE E 198 12.66 16.16 -13.64
CA ILE E 198 13.13 17.55 -13.61
C ILE E 198 14.39 17.66 -12.74
N CYS E 199 14.40 16.98 -11.60
CA CYS E 199 15.58 17.01 -10.73
C CYS E 199 16.79 16.39 -11.41
N GLY E 200 16.58 15.28 -12.13
CA GLY E 200 17.69 14.70 -12.88
C GLY E 200 18.23 15.64 -13.93
N CYS E 201 17.34 16.32 -14.65
CA CYS E 201 17.77 17.32 -15.63
C CYS E 201 18.52 18.47 -14.96
N ILE E 202 18.10 18.85 -13.75
CA ILE E 202 18.80 19.90 -13.02
C ILE E 202 20.22 19.46 -12.69
N TRP E 203 20.38 18.23 -12.21
CA TRP E 203 21.71 17.73 -11.92
C TRP E 203 22.56 17.68 -13.18
N VAL E 204 21.97 17.28 -14.30
CA VAL E 204 22.70 17.25 -15.57
C VAL E 204 23.15 18.65 -15.97
N VAL E 205 22.27 19.65 -15.80
CA VAL E 205 22.62 21.02 -16.15
C VAL E 205 23.75 21.53 -15.27
N ALA E 206 23.72 21.18 -13.97
CA ALA E 206 24.82 21.56 -13.09
C ALA E 206 26.13 20.94 -13.53
N PHE E 207 26.11 19.66 -13.92
CA PHE E 207 27.33 18.99 -14.40
C PHE E 207 27.86 19.66 -15.67
N VAL E 208 26.94 19.99 -16.58
CA VAL E 208 27.35 20.67 -17.81
C VAL E 208 27.94 22.04 -17.48
N MET E 209 27.38 22.73 -16.50
CA MET E 209 27.97 24.02 -16.13
C MET E 209 29.30 23.86 -15.43
N CYS E 210 29.54 22.70 -14.82
CA CYS E 210 30.84 22.48 -14.24
C CYS E 210 31.88 21.99 -15.25
N ILE E 211 31.57 21.89 -16.54
CA ILE E 211 32.66 21.40 -17.42
C ILE E 211 33.71 22.51 -17.60
N PRO E 212 33.41 23.79 -17.89
CA PRO E 212 34.47 24.77 -18.06
C PRO E 212 35.30 24.82 -16.78
N VAL E 213 34.78 24.34 -15.67
CA VAL E 213 35.64 24.40 -14.51
C VAL E 213 36.40 23.10 -14.30
N PHE E 214 36.04 22.02 -14.99
CA PHE E 214 36.85 20.80 -15.00
C PHE E 214 37.89 20.80 -16.11
N VAL E 215 37.74 21.66 -17.11
CA VAL E 215 38.71 21.73 -18.18
C VAL E 215 39.96 22.49 -17.75
N TYR E 216 39.78 23.66 -17.12
CA TYR E 216 40.85 24.64 -16.98
C TYR E 216 41.62 24.56 -15.67
N ARG E 217 41.34 23.58 -14.82
CA ARG E 217 42.07 23.46 -13.56
C ARG E 217 43.48 22.91 -13.84
N GLU E 218 44.49 23.73 -13.57
CA GLU E 218 45.86 23.37 -13.89
C GLU E 218 46.77 23.66 -12.70
N ILE E 219 47.91 22.97 -12.67
CA ILE E 219 48.88 23.07 -11.59
C ILE E 219 50.19 23.60 -12.16
N PHE E 220 50.70 24.68 -11.57
CA PHE E 220 52.04 25.18 -11.87
C PHE E 220 52.58 25.86 -10.62
N THR E 221 53.89 25.74 -10.42
CA THR E 221 54.49 26.14 -9.15
C THR E 221 54.43 27.64 -8.95
N THR E 222 55.14 28.41 -9.78
CA THR E 222 55.08 29.87 -9.81
C THR E 222 55.45 30.52 -8.48
N ASP E 223 55.89 29.75 -7.50
CA ASP E 223 56.17 30.27 -6.16
C ASP E 223 57.04 29.24 -5.44
N ASN E 224 57.20 29.42 -4.13
CA ASN E 224 57.88 28.40 -3.32
C ASN E 224 57.09 27.09 -3.34
N HIS E 225 55.77 27.18 -3.20
CA HIS E 225 54.88 26.04 -3.30
C HIS E 225 54.18 26.04 -4.65
N ASN E 226 53.34 25.03 -4.87
CA ASN E 226 52.63 24.86 -6.13
C ASN E 226 51.16 25.24 -5.92
N ARG E 227 50.87 26.52 -6.10
CA ARG E 227 49.48 26.98 -6.02
C ARG E 227 48.71 26.48 -7.24
N CYS E 228 47.46 26.06 -6.99
CA CYS E 228 46.63 25.47 -8.02
C CYS E 228 45.50 26.43 -8.38
N GLY E 229 45.34 26.67 -9.67
CA GLY E 229 44.33 27.62 -10.13
C GLY E 229 44.43 27.81 -11.62
N TYR E 230 43.93 28.95 -12.09
CA TYR E 230 43.97 29.27 -13.51
C TYR E 230 43.83 30.78 -13.73
N THR E 387 39.59 34.00 -22.71
CA THR E 387 38.48 33.07 -22.38
C THR E 387 38.73 32.05 -21.20
N PRO E 388 39.95 31.63 -20.79
CA PRO E 388 40.05 30.66 -19.68
C PRO E 388 39.29 31.16 -18.44
N LEU E 389 38.88 32.44 -18.42
CA LEU E 389 38.22 33.02 -17.27
C LEU E 389 36.97 33.87 -17.54
N VAL E 390 36.97 34.72 -18.58
CA VAL E 390 35.86 35.65 -18.76
C VAL E 390 34.59 34.90 -19.14
N ALA E 391 34.71 33.93 -20.05
CA ALA E 391 33.54 33.19 -20.50
C ALA E 391 32.92 32.38 -19.38
N ILE E 392 33.76 31.65 -18.63
CA ILE E 392 33.24 30.81 -17.55
C ILE E 392 32.59 31.66 -16.47
N THR E 393 33.24 32.78 -16.10
CA THR E 393 32.68 33.65 -15.07
C THR E 393 31.36 34.27 -15.51
N ILE E 394 31.29 34.74 -16.76
CA ILE E 394 30.06 35.39 -17.23
C ILE E 394 28.93 34.38 -17.34
N THR E 395 29.21 33.19 -17.88
CA THR E 395 28.18 32.16 -17.98
C THR E 395 27.71 31.73 -16.59
N ARG E 396 28.65 31.57 -15.64
CA ARG E 396 28.27 31.21 -14.28
C ARG E 396 27.42 32.29 -13.64
N LEU E 397 27.79 33.56 -13.85
CA LEU E 397 26.99 34.65 -13.30
C LEU E 397 25.58 34.62 -13.86
N VAL E 398 25.44 34.56 -15.18
CA VAL E 398 24.11 34.57 -15.79
C VAL E 398 23.30 33.38 -15.27
N VAL E 399 23.75 32.16 -15.58
CA VAL E 399 22.92 30.99 -15.34
C VAL E 399 22.79 30.65 -13.86
N GLY E 400 23.64 31.19 -12.99
CA GLY E 400 23.52 30.83 -11.59
C GLY E 400 23.01 31.94 -10.71
N PHE E 401 22.93 33.17 -11.22
CA PHE E 401 22.37 34.27 -10.45
C PHE E 401 21.18 34.91 -11.14
N LEU E 402 21.31 35.29 -12.41
CA LEU E 402 20.27 36.14 -13.01
C LEU E 402 18.99 35.36 -13.24
N LEU E 403 19.05 34.29 -14.03
CA LEU E 403 17.85 33.48 -14.24
C LEU E 403 17.33 32.88 -12.94
N PRO E 404 18.16 32.31 -12.06
CA PRO E 404 17.62 31.90 -10.74
C PRO E 404 16.96 33.04 -9.98
N SER E 405 17.63 34.18 -9.83
CA SER E 405 17.04 35.27 -9.05
C SER E 405 15.79 35.82 -9.72
N VAL E 406 15.84 36.02 -11.03
CA VAL E 406 14.68 36.56 -11.75
C VAL E 406 13.49 35.63 -11.62
N ILE E 407 13.73 34.32 -11.82
CA ILE E 407 12.64 33.35 -11.74
C ILE E 407 12.11 33.26 -10.32
N MET E 408 13.00 33.24 -9.33
CA MET E 408 12.57 33.17 -7.93
C MET E 408 11.70 34.37 -7.57
N ILE E 409 12.18 35.57 -7.92
CA ILE E 409 11.45 36.78 -7.58
C ILE E 409 10.11 36.83 -8.31
N ALA E 410 10.10 36.47 -9.60
CA ALA E 410 8.85 36.49 -10.35
C ALA E 410 7.85 35.47 -9.81
N CYS E 411 8.30 34.24 -9.53
CA CYS E 411 7.42 33.22 -9.02
C CYS E 411 6.83 33.61 -7.67
N TYR E 412 7.68 34.05 -6.75
CA TYR E 412 7.17 34.39 -5.42
C TYR E 412 6.32 35.65 -5.45
N SER E 413 6.68 36.62 -6.30
CA SER E 413 5.86 37.81 -6.43
C SER E 413 4.48 37.47 -6.99
N PHE E 414 4.42 36.57 -7.97
CA PHE E 414 3.12 36.20 -8.53
C PHE E 414 2.31 35.36 -7.57
N ILE E 415 2.95 34.53 -6.75
CA ILE E 415 2.24 33.81 -5.71
C ILE E 415 1.63 34.79 -4.70
N VAL E 416 2.42 35.79 -4.29
CA VAL E 416 1.92 36.78 -3.34
C VAL E 416 0.78 37.60 -3.97
N PHE E 417 0.93 37.99 -5.23
CA PHE E 417 -0.09 38.77 -5.91
C PHE E 417 -1.38 37.98 -6.06
N ARG E 418 -1.28 36.69 -6.39
CA ARG E 418 -2.47 35.87 -6.53
C ARG E 418 -3.17 35.69 -5.18
N MET E 419 -2.42 35.72 -4.08
CA MET E 419 -3.02 35.46 -2.79
C MET E 419 -3.84 36.65 -2.27
N GLN E 420 -4.22 37.58 -3.14
CA GLN E 420 -5.06 38.70 -2.75
C GLN E 420 -6.34 38.72 -3.58
N ARG E 421 -7.00 37.56 -3.72
CA ARG E 421 -8.20 37.46 -4.53
C ARG E 421 -9.34 36.71 -3.86
N GLY E 422 -9.17 36.19 -2.64
CA GLY E 422 -10.24 35.47 -1.97
C GLY E 422 -9.79 34.16 -1.36
N ARG E 423 -10.12 33.96 -0.08
CA ARG E 423 -9.73 32.81 0.73
C ARG E 423 -8.26 32.90 1.10
N PHE E 424 -7.55 33.83 0.46
CA PHE E 424 -6.13 34.02 0.71
C PHE E 424 -5.82 35.38 1.30
N ALA E 425 -6.82 36.24 1.47
CA ALA E 425 -6.60 37.52 2.13
C ALA E 425 -6.25 37.34 3.61
N LYS E 426 -6.76 36.28 4.24
CA LYS E 426 -6.33 35.95 5.59
C LYS E 426 -4.85 35.62 5.61
N SER E 427 -4.38 34.87 4.62
CA SER E 427 -2.96 34.70 4.35
C SER E 427 -2.45 35.92 3.60
N GLN E 428 -1.29 35.80 2.96
CA GLN E 428 -0.54 36.85 2.26
C GLN E 428 0.22 37.70 3.27
N SER E 429 0.07 37.43 4.57
CA SER E 429 0.98 37.95 5.58
C SER E 429 2.03 36.92 5.97
N LYS E 430 1.62 35.66 6.16
CA LYS E 430 2.58 34.58 6.35
C LYS E 430 3.26 34.21 5.04
N THR E 431 2.48 34.13 3.95
CA THR E 431 3.05 33.75 2.66
C THR E 431 4.04 34.79 2.17
N PHE E 432 3.70 36.08 2.28
CA PHE E 432 4.61 37.13 1.85
C PHE E 432 5.88 37.13 2.69
N ARG E 433 5.75 36.95 4.01
CA ARG E 433 6.93 36.90 4.85
C ARG E 433 7.83 35.72 4.48
N VAL E 434 7.23 34.56 4.23
CA VAL E 434 8.02 33.38 3.86
C VAL E 434 8.73 33.62 2.54
N ALA E 435 8.01 34.16 1.55
CA ALA E 435 8.62 34.40 0.25
C ALA E 435 9.75 35.41 0.34
N VAL E 436 9.54 36.52 1.07
CA VAL E 436 10.57 37.55 1.14
C VAL E 436 11.77 37.06 1.93
N VAL E 437 11.55 36.27 2.99
CA VAL E 437 12.70 35.77 3.74
C VAL E 437 13.49 34.76 2.91
N VAL E 438 12.78 33.93 2.13
CA VAL E 438 13.47 32.95 1.29
C VAL E 438 14.32 33.66 0.23
N VAL E 439 13.72 34.62 -0.48
CA VAL E 439 14.45 35.31 -1.53
C VAL E 439 15.57 36.17 -0.94
N ALA E 440 15.33 36.78 0.23
CA ALA E 440 16.35 37.59 0.87
C ALA E 440 17.54 36.74 1.31
N VAL E 441 17.28 35.56 1.88
CA VAL E 441 18.38 34.70 2.26
C VAL E 441 19.16 34.26 1.04
N PHE E 442 18.45 33.87 -0.04
CA PHE E 442 19.15 33.49 -1.26
C PHE E 442 20.04 34.62 -1.77
N LEU E 443 19.52 35.85 -1.79
CA LEU E 443 20.26 36.97 -2.37
C LEU E 443 21.41 37.41 -1.48
N VAL E 444 21.21 37.44 -0.16
CA VAL E 444 22.32 37.82 0.72
C VAL E 444 23.34 36.70 0.87
N CYS E 445 23.01 35.47 0.45
CA CYS E 445 24.00 34.42 0.41
C CYS E 445 24.72 34.33 -0.92
N TRP E 446 24.11 34.79 -2.01
CA TRP E 446 24.69 34.60 -3.34
C TRP E 446 25.01 35.88 -4.11
N THR E 447 24.76 37.06 -3.56
CA THR E 447 25.16 38.26 -4.28
C THR E 447 26.63 38.66 -4.08
N PRO E 448 27.20 38.60 -2.86
CA PRO E 448 28.64 38.88 -2.74
C PRO E 448 29.50 37.95 -3.57
N TYR E 449 29.10 36.68 -3.70
CA TYR E 449 29.86 35.74 -4.52
C TYR E 449 29.99 36.25 -5.94
N HIS E 450 28.86 36.58 -6.58
CA HIS E 450 28.90 37.01 -7.97
C HIS E 450 29.47 38.42 -8.11
N ILE E 451 29.26 39.27 -7.11
CA ILE E 451 29.83 40.61 -7.14
C ILE E 451 31.35 40.52 -7.20
N PHE E 452 31.95 39.73 -6.31
CA PHE E 452 33.39 39.54 -6.33
C PHE E 452 33.84 38.80 -7.58
N GLY E 453 33.02 37.87 -8.08
CA GLY E 453 33.38 37.17 -9.31
C GLY E 453 33.51 38.10 -10.50
N VAL E 454 32.59 39.05 -10.65
CA VAL E 454 32.69 39.99 -11.76
C VAL E 454 33.68 41.10 -11.47
N LEU E 455 33.95 41.41 -10.20
CA LEU E 455 34.95 42.42 -9.89
C LEU E 455 36.37 41.90 -10.11
N SER E 456 36.56 40.59 -9.98
CA SER E 456 37.90 40.02 -10.21
C SER E 456 38.35 40.21 -11.66
N LEU E 457 37.40 40.24 -12.60
CA LEU E 457 37.77 40.42 -13.99
C LEU E 457 38.30 41.82 -14.25
N LEU E 458 37.60 42.84 -13.76
CA LEU E 458 38.02 44.21 -14.01
C LEU E 458 39.28 44.57 -13.23
N THR E 459 39.37 44.13 -11.97
CA THR E 459 40.49 44.47 -11.11
C THR E 459 41.59 43.42 -11.29
N ASP E 460 42.72 43.84 -11.83
CA ASP E 460 43.84 42.94 -12.05
C ASP E 460 44.52 42.60 -10.73
N PRO E 461 45.25 41.49 -10.68
CA PRO E 461 45.95 41.12 -9.44
C PRO E 461 47.23 41.91 -9.23
N GLU E 462 47.99 41.55 -8.19
CA GLU E 462 49.26 42.17 -7.83
C GLU E 462 49.11 43.63 -7.41
N THR E 463 47.89 44.09 -7.19
CA THR E 463 47.61 45.44 -6.72
C THR E 463 46.69 45.35 -5.51
N PRO E 464 46.74 46.32 -4.59
CA PRO E 464 45.84 46.28 -3.43
C PRO E 464 44.38 46.22 -3.83
N LEU E 465 44.00 46.97 -4.87
CA LEU E 465 42.67 46.84 -5.47
C LEU E 465 42.62 45.54 -6.25
N GLY E 466 42.27 44.46 -5.57
CA GLY E 466 42.34 43.13 -6.13
C GLY E 466 43.03 42.18 -5.16
N LYS E 467 44.07 42.66 -4.49
CA LYS E 467 44.62 41.88 -3.38
C LYS E 467 43.61 41.80 -2.24
N THR E 468 42.96 42.92 -1.91
CA THR E 468 41.90 42.88 -0.91
C THR E 468 40.72 42.03 -1.40
N LEU E 469 40.43 42.09 -2.70
CA LEU E 469 39.36 41.25 -3.24
C LEU E 469 39.67 39.77 -3.08
N MET E 470 40.91 39.37 -3.39
CA MET E 470 41.30 37.98 -3.21
C MET E 470 41.26 37.57 -1.75
N SER E 471 41.68 38.46 -0.85
CA SER E 471 41.62 38.15 0.57
C SER E 471 40.19 37.96 1.06
N TRP E 472 39.25 38.78 0.59
CA TRP E 472 37.85 38.71 1.02
C TRP E 472 37.04 37.65 0.28
N ASP E 473 37.59 37.12 -0.80
CA ASP E 473 36.86 36.14 -1.59
C ASP E 473 36.51 34.91 -0.75
N HIS E 474 37.37 34.55 0.21
CA HIS E 474 37.07 33.41 1.07
C HIS E 474 35.76 33.61 1.81
N VAL E 475 35.51 34.84 2.28
CA VAL E 475 34.25 35.12 2.96
C VAL E 475 33.08 34.96 2.00
N CYS E 476 33.25 35.42 0.75
CA CYS E 476 32.15 35.27 -0.20
C CYS E 476 31.83 33.79 -0.45
N ILE E 477 32.85 32.97 -0.67
CA ILE E 477 32.64 31.54 -0.86
C ILE E 477 32.03 30.91 0.38
N ALA E 478 32.45 31.36 1.56
CA ALA E 478 31.90 30.85 2.81
C ALA E 478 30.41 31.15 2.92
N LEU E 479 29.99 32.34 2.47
CA LEU E 479 28.57 32.68 2.50
C LEU E 479 27.78 31.81 1.52
N ALA E 480 28.30 31.64 0.31
CA ALA E 480 27.61 30.78 -0.66
C ALA E 480 27.50 29.35 -0.15
N SER E 481 28.51 28.88 0.58
CA SER E 481 28.44 27.55 1.19
C SER E 481 27.52 27.53 2.41
N ALA E 482 27.42 28.66 3.11
CA ALA E 482 26.52 28.76 4.24
C ALA E 482 25.06 28.68 3.83
N ASN E 483 24.73 29.11 2.60
CA ASN E 483 23.37 28.89 2.15
C ASN E 483 22.96 27.43 2.30
N SER E 484 23.90 26.50 2.06
CA SER E 484 23.58 25.07 2.13
C SER E 484 23.04 24.67 3.50
N CYS E 485 23.54 25.28 4.57
CA CYS E 485 23.00 25.01 5.89
C CYS E 485 21.80 25.88 6.22
N PHE E 486 21.65 27.04 5.56
CA PHE E 486 20.45 27.84 5.78
C PHE E 486 19.22 27.21 5.14
N ASN E 487 19.42 26.48 4.03
CA ASN E 487 18.29 25.95 3.25
C ASN E 487 17.39 24.98 4.01
N PRO E 488 17.90 24.01 4.78
CA PRO E 488 16.98 23.08 5.46
C PRO E 488 16.04 23.76 6.44
N PHE E 489 16.44 24.90 7.00
CA PHE E 489 15.58 25.64 7.91
C PHE E 489 14.62 26.57 7.18
N LEU E 490 14.71 26.66 5.85
CA LEU E 490 13.82 27.51 5.07
C LEU E 490 12.87 26.78 4.15
N TYR E 491 13.19 25.54 3.75
CA TYR E 491 12.36 24.80 2.82
C TYR E 491 11.71 23.58 3.45
N ALA E 492 12.51 22.66 3.99
CA ALA E 492 11.93 21.44 4.54
C ALA E 492 11.28 21.66 5.89
N LEU E 493 11.86 22.55 6.71
CA LEU E 493 11.41 22.75 8.08
C LEU E 493 10.34 23.82 8.22
N LEU E 494 9.84 24.36 7.11
CA LEU E 494 8.64 25.18 7.15
C LEU E 494 7.37 24.37 6.97
N GLY E 495 7.50 23.11 6.58
CA GLY E 495 6.39 22.18 6.40
C GLY E 495 5.96 21.50 7.69
N LYS E 496 5.14 22.19 8.48
CA LYS E 496 4.74 21.77 9.83
C LYS E 496 4.56 20.26 9.99
N ASP E 497 4.01 19.59 8.97
CA ASP E 497 3.95 18.13 8.99
C ASP E 497 5.34 17.53 9.06
N PHE E 498 6.27 18.02 8.23
CA PHE E 498 7.65 17.58 8.32
C PHE E 498 8.28 18.00 9.64
N ARG E 499 7.85 19.13 10.20
CA ARG E 499 8.32 19.51 11.53
C ARG E 499 7.95 18.45 12.57
N LYS E 500 6.70 18.00 12.54
CA LYS E 500 6.27 16.96 13.47
C LYS E 500 7.01 15.65 13.23
N LYS E 501 7.21 15.29 11.95
CA LYS E 501 7.93 14.06 11.65
C LYS E 501 9.37 14.12 12.16
N ALA E 502 10.04 15.25 11.95
CA ALA E 502 11.41 15.41 12.43
C ALA E 502 11.47 15.43 13.95
N ARG E 503 10.49 16.06 14.60
CA ARG E 503 10.45 16.06 16.06
C ARG E 503 10.29 14.65 16.60
N GLN E 504 9.40 13.85 15.98
CA GLN E 504 9.22 12.48 16.43
C GLN E 504 10.44 11.61 16.13
N SER E 505 11.12 11.86 15.01
CA SER E 505 12.28 11.05 14.64
C SER E 505 13.57 11.49 15.34
N ILE E 506 13.58 12.66 15.98
CA ILE E 506 14.79 13.13 16.66
C ILE E 506 14.91 12.60 18.08
N GLN E 507 13.85 12.00 18.63
CA GLN E 507 13.89 11.45 19.97
C GLN E 507 14.35 10.00 19.90
N GLY E 508 15.43 9.68 20.61
CA GLY E 508 15.98 8.34 20.61
C GLY E 508 16.87 8.05 19.42
N SER F 2 48.10 34.51 -17.37
CA SER F 2 48.86 33.38 -16.88
C SER F 2 48.11 32.66 -15.74
N PHE F 3 48.72 32.64 -14.56
CA PHE F 3 48.15 31.97 -13.40
C PHE F 3 47.42 32.98 -12.54
N LYS F 4 46.16 32.69 -12.22
CA LYS F 4 45.32 33.54 -11.38
C LYS F 4 44.78 32.70 -10.23
N PRO F 5 45.62 32.37 -9.23
CA PRO F 5 45.19 31.41 -8.21
C PRO F 5 43.81 31.75 -7.69
N MET F 6 42.82 30.95 -8.08
CA MET F 6 41.44 31.14 -7.68
C MET F 6 41.16 30.37 -6.41
N PRO F 7 40.14 30.77 -5.64
CA PRO F 7 39.78 29.98 -4.46
C PRO F 7 39.12 28.68 -4.88
N LEU F 8 38.78 27.83 -3.92
CA LEU F 8 38.27 26.51 -4.26
C LEU F 8 36.96 26.57 -5.05
N ARG F 10 35.46 28.91 -6.96
CA ARG F 10 35.25 29.85 -8.07
C ARG F 10 35.47 29.07 -9.39
#